data_6NQ1
#
_entry.id   6NQ1
#
_cell.length_a   1
_cell.length_b   1
_cell.length_c   1
_cell.angle_alpha   90.00
_cell.angle_beta   90.00
_cell.angle_gamma   90.00
#
_symmetry.space_group_name_H-M   'P 1'
#
_entity_poly.entity_id   1
_entity_poly.type   'polypeptide(L)'
_entity_poly.pdbx_seq_one_letter_code
;GSLEMAEPQAESEPAAGGARGGGGDWPAGLTTYRSIQVGPGAAARWDLCIDQAVVFIEDAIQYRSINHRVDASSMWLYRR
YYSNVCQRTLSFTIFLILFLAFIETPSSLTSTADVRYRAAPWEPPCGLTESVEVLCLLVFAADLSVKGYLFGWAHFQKNL
WLLGYLVVLVVSLVDWTVSLSLVCHEPLRIRRLLRPFFLLQNSSMMKKTLKCIRWSLPEMASVGLLLAIHLCLFTMFGML
LFAGGKQDDGQDRERLTYFQNLPESLTSLLVLLTTANNPDVMIPAYSKNRAYAIFFIVFTVIGSLFLMNLLTAIIYSQFR
GYLMKSLQTSLFRRRLGTRAAFEVLSSMVGEGGAFPQAVGVKPQNLLQVLQKVQLDSSHKQAMMEKVRSYGSVLLSAEEF
QKLFNELDRSVVKEHPPRPEYQSPFLQSAQFLFGHYYFDYLGNLIALANLVSICVFLVLDADVLPAERDDFILGILNCVF
IVYYLLEMLLKVFALGLRGYLSYPSNVFDGLLTVVLLVLEISTLAVYRLPHPGWRPEMVGLLSLWDMTRMLNMLIVFRFL
RIIPSMKPMAVVASTVLGLVQNMRAFGGILVVVYYVFAIIGINLFRGVIVALPGNSSLAPANGSAPCGSFEQLEYWANNF
DDFAAALVTLWNLMVVNNWQVFLDAYRRYSGPWSKIYFVLWWLVSSVIWVNLFLALILENFLHKWDPRSHLQPLAGTPEA
TYQMTVELLFRDILEEPEEDELTERLSQHPHLWLCR
;
_entity_poly.pdbx_strand_id   A,B
#
# COMPACT_ATOMS: atom_id res chain seq x y z
N ALA A 43 -17.36 40.01 47.75
CA ALA A 43 -16.40 39.46 48.69
C ALA A 43 -16.13 38.00 48.40
N ALA A 44 -17.00 37.13 48.90
CA ALA A 44 -16.86 35.71 48.67
C ALA A 44 -17.22 35.35 47.23
N ARG A 45 -18.34 35.88 46.74
CA ARG A 45 -18.71 35.68 45.34
C ARG A 45 -17.81 36.47 44.39
N TRP A 46 -17.12 37.49 44.90
CA TRP A 46 -16.08 38.15 44.13
C TRP A 46 -14.96 37.18 43.79
N ASP A 47 -14.37 36.58 44.82
CA ASP A 47 -13.27 35.65 44.59
C ASP A 47 -13.75 34.36 43.96
N LEU A 48 -15.00 33.95 44.21
CA LEU A 48 -15.54 32.73 43.62
C LEU A 48 -15.61 32.84 42.11
N CYS A 49 -15.95 34.02 41.60
CA CYS A 49 -15.94 34.23 40.16
C CYS A 49 -14.53 34.23 39.60
N ILE A 50 -13.53 34.54 40.42
CA ILE A 50 -12.16 34.52 39.95
C ILE A 50 -11.72 33.08 39.71
N ASP A 51 -12.16 32.15 40.56
CA ASP A 51 -11.81 30.76 40.34
C ASP A 51 -12.48 30.20 39.10
N GLN A 52 -13.71 30.63 38.82
CA GLN A 52 -14.36 30.21 37.59
C GLN A 52 -13.73 30.88 36.39
N ALA A 53 -13.08 32.03 36.60
CA ALA A 53 -12.37 32.68 35.51
C ALA A 53 -11.09 31.92 35.16
N VAL A 54 -10.30 31.55 36.16
CA VAL A 54 -8.98 31.01 35.89
C VAL A 54 -9.06 29.59 35.32
N VAL A 55 -10.03 28.79 35.76
CA VAL A 55 -10.11 27.44 35.24
C VAL A 55 -10.75 27.41 33.87
N PHE A 56 -11.46 28.47 33.48
CA PHE A 56 -12.04 28.47 32.15
C PHE A 56 -11.04 28.97 31.14
N ILE A 57 -10.12 29.84 31.55
CA ILE A 57 -9.04 30.23 30.68
C ILE A 57 -8.08 29.06 30.48
N GLU A 58 -7.78 28.35 31.56
CA GLU A 58 -6.83 27.23 31.48
C GLU A 58 -7.38 26.08 30.66
N ASP A 59 -8.69 25.86 30.70
CA ASP A 59 -9.27 24.86 29.82
C ASP A 59 -9.34 25.37 28.39
N ALA A 60 -9.41 26.69 28.21
CA ALA A 60 -9.44 27.24 26.87
C ALA A 60 -8.07 27.16 26.21
N ILE A 61 -7.00 27.14 27.00
CA ILE A 61 -5.68 26.99 26.42
C ILE A 61 -5.43 25.54 26.05
N GLN A 62 -5.67 24.63 26.98
CA GLN A 62 -5.27 23.25 26.83
C GLN A 62 -6.33 22.40 26.14
N TYR A 63 -7.31 23.02 25.49
CA TYR A 63 -8.29 22.36 24.62
C TYR A 63 -9.13 21.33 25.35
N ARG A 64 -9.53 21.65 26.57
CA ARG A 64 -10.41 20.79 27.33
C ARG A 64 -11.86 21.23 27.16
N SER A 65 -12.76 20.47 27.76
CA SER A 65 -14.19 20.78 27.73
C SER A 65 -14.62 21.38 29.05
N ILE A 66 -15.82 21.96 29.03
CA ILE A 66 -16.42 22.54 30.24
C ILE A 66 -17.68 21.74 30.51
N ASN A 67 -17.55 20.68 31.29
CA ASN A 67 -18.72 19.92 31.69
C ASN A 67 -18.56 19.41 33.12
N HIS A 68 -17.77 20.10 33.92
CA HIS A 68 -17.56 19.73 35.31
C HIS A 68 -18.31 20.70 36.21
N ARG A 69 -18.77 20.17 37.34
CA ARG A 69 -19.55 20.99 38.26
C ARG A 69 -18.65 21.99 38.97
N VAL A 70 -19.17 23.20 39.15
CA VAL A 70 -18.41 24.32 39.67
C VAL A 70 -18.70 24.48 41.16
N ASP A 71 -17.69 24.25 41.98
CA ASP A 71 -17.83 24.33 43.43
C ASP A 71 -16.65 25.09 44.01
N ALA A 72 -16.53 25.10 45.34
CA ALA A 72 -15.48 25.90 45.98
C ALA A 72 -14.14 25.18 45.94
N SER A 73 -14.04 24.04 46.62
CA SER A 73 -12.78 23.33 46.70
C SER A 73 -12.59 22.35 45.56
N SER A 74 -13.60 22.15 44.71
CA SER A 74 -13.41 21.35 43.51
C SER A 74 -12.48 22.05 42.52
N MET A 75 -12.46 23.38 42.54
CA MET A 75 -11.51 24.09 41.72
C MET A 75 -10.11 24.02 42.30
N TRP A 76 -9.97 23.76 43.60
CA TRP A 76 -8.66 23.41 44.12
C TRP A 76 -8.24 22.04 43.61
N LEU A 77 -9.20 21.13 43.46
CA LEU A 77 -8.88 19.80 42.96
C LEU A 77 -8.66 19.78 41.46
N TYR A 78 -9.45 20.56 40.72
CA TYR A 78 -9.35 20.58 39.26
C TYR A 78 -8.01 21.12 38.82
N ARG A 79 -7.51 22.15 39.50
CA ARG A 79 -6.22 22.70 39.11
C ARG A 79 -5.08 21.77 39.51
N ARG A 80 -5.26 20.99 40.57
CA ARG A 80 -4.18 20.12 40.99
C ARG A 80 -4.16 18.80 40.26
N TYR A 81 -5.33 18.25 39.92
CA TYR A 81 -5.40 16.97 39.22
C TYR A 81 -4.83 17.07 37.81
N TYR A 82 -4.95 18.23 37.18
CA TYR A 82 -4.43 18.45 35.83
C TYR A 82 -3.05 19.07 35.83
N SER A 83 -2.27 18.87 36.87
CA SER A 83 -0.93 19.43 36.92
C SER A 83 0.02 18.61 36.06
N ASN A 84 1.27 19.10 35.98
CA ASN A 84 2.29 18.34 35.30
C ASN A 84 2.69 17.11 36.09
N VAL A 85 2.68 17.21 37.42
CA VAL A 85 3.15 16.10 38.23
C VAL A 85 2.10 14.98 38.28
N CYS A 86 0.82 15.31 38.17
CA CYS A 86 -0.17 14.26 38.36
C CYS A 86 -0.35 13.43 37.10
N GLN A 87 -0.32 14.07 35.93
CA GLN A 87 -0.47 13.32 34.69
C GLN A 87 0.76 12.49 34.38
N ARG A 88 1.93 12.91 34.86
CA ARG A 88 3.13 12.14 34.59
C ARG A 88 3.26 10.95 35.52
N THR A 89 2.66 11.00 36.71
CA THR A 89 2.61 9.80 37.53
C THR A 89 1.68 8.77 36.94
N LEU A 90 0.58 9.23 36.34
CA LEU A 90 -0.37 8.31 35.75
C LEU A 90 0.20 7.66 34.49
N SER A 91 1.05 8.37 33.75
CA SER A 91 1.68 7.74 32.59
C SER A 91 2.76 6.75 33.02
N PHE A 92 3.43 7.00 34.14
CA PHE A 92 4.49 6.11 34.56
C PHE A 92 3.92 4.80 35.10
N THR A 93 2.79 4.85 35.79
CA THR A 93 2.22 3.61 36.30
C THR A 93 1.61 2.76 35.20
N ILE A 94 1.15 3.39 34.11
CA ILE A 94 0.65 2.64 32.97
C ILE A 94 1.77 1.87 32.31
N PHE A 95 2.95 2.48 32.22
CA PHE A 95 4.12 1.77 31.72
C PHE A 95 4.55 0.65 32.65
N LEU A 96 4.28 0.78 33.95
CA LEU A 96 4.79 -0.18 34.91
C LEU A 96 4.09 -1.53 34.81
N ILE A 97 2.75 -1.53 34.76
CA ILE A 97 2.04 -2.79 34.63
C ILE A 97 2.21 -3.38 33.24
N LEU A 98 2.47 -2.55 32.25
CA LEU A 98 2.78 -3.08 30.93
C LEU A 98 4.25 -3.40 30.77
N PHE A 99 5.06 -3.09 31.79
CA PHE A 99 6.42 -3.63 31.87
C PHE A 99 6.46 -4.93 32.63
N LEU A 100 5.46 -5.17 33.48
CA LEU A 100 5.52 -6.19 34.51
C LEU A 100 5.55 -7.60 33.94
N ALA A 101 5.09 -7.78 32.69
CA ALA A 101 5.05 -9.12 32.11
C ALA A 101 6.42 -9.66 31.75
N PHE A 102 7.45 -8.82 31.75
CA PHE A 102 8.79 -9.34 31.54
C PHE A 102 9.29 -10.11 32.76
N ILE A 103 8.79 -9.79 33.94
CA ILE A 103 9.32 -10.38 35.17
C ILE A 103 8.27 -11.24 35.86
N GLU A 104 7.31 -11.77 35.12
CA GLU A 104 6.35 -12.70 35.69
C GLU A 104 6.91 -14.10 35.64
N THR A 105 6.08 -15.10 35.88
CA THR A 105 6.51 -16.48 36.00
C THR A 105 7.09 -17.15 34.75
N PRO A 106 6.77 -16.75 33.51
CA PRO A 106 7.60 -17.22 32.39
C PRO A 106 9.02 -16.66 32.38
N SER A 107 9.27 -15.54 33.08
CA SER A 107 10.62 -15.08 33.50
C SER A 107 11.56 -14.87 32.31
N SER A 108 11.29 -13.83 31.53
CA SER A 108 12.12 -13.59 30.36
C SER A 108 13.43 -12.88 30.67
N LEU A 109 14.16 -13.33 31.70
CA LEU A 109 15.48 -12.80 31.99
C LEU A 109 16.60 -13.75 31.63
N THR A 110 16.75 -14.10 30.35
CA THR A 110 17.88 -14.93 29.95
C THR A 110 18.75 -14.15 28.98
N SER A 111 19.70 -14.84 28.37
CA SER A 111 20.55 -14.25 27.36
C SER A 111 20.18 -14.71 25.96
N THR A 112 19.80 -15.97 25.81
CA THR A 112 19.33 -16.51 24.54
C THR A 112 17.93 -17.06 24.74
N ALA A 113 17.11 -16.93 23.71
CA ALA A 113 15.77 -17.54 23.72
C ALA A 113 15.75 -18.90 23.07
N ASP A 114 16.91 -19.42 22.69
CA ASP A 114 16.98 -20.71 22.03
C ASP A 114 16.62 -21.82 23.01
N VAL A 115 15.86 -22.79 22.52
CA VAL A 115 15.32 -23.81 23.41
C VAL A 115 16.28 -24.98 23.58
N ARG A 116 17.17 -25.20 22.62
CA ARG A 116 18.07 -26.35 22.68
C ARG A 116 19.13 -26.19 23.76
N TYR A 117 19.45 -24.96 24.15
CA TYR A 117 20.26 -24.74 25.33
C TYR A 117 19.87 -23.40 25.94
N ARG A 118 19.55 -23.39 27.23
CA ARG A 118 19.18 -22.18 27.91
C ARG A 118 19.27 -22.41 29.41
N ALA A 119 19.98 -21.52 30.10
CA ALA A 119 19.94 -21.51 31.56
C ALA A 119 18.61 -20.91 31.97
N ALA A 120 17.63 -21.77 32.22
CA ALA A 120 16.24 -21.34 32.30
C ALA A 120 15.87 -20.48 33.51
N PRO A 121 15.97 -20.97 34.76
CA PRO A 121 15.10 -20.40 35.80
C PRO A 121 15.61 -19.12 36.44
N TRP A 122 14.68 -18.19 36.67
CA TRP A 122 14.84 -17.15 37.67
C TRP A 122 13.42 -16.83 38.13
N GLU A 123 13.03 -17.35 39.29
CA GLU A 123 11.66 -17.20 39.71
C GLU A 123 11.58 -16.22 40.85
N PRO A 124 10.91 -15.08 40.67
CA PRO A 124 10.62 -14.23 41.82
C PRO A 124 9.54 -14.86 42.68
N PRO A 125 9.53 -14.58 43.98
CA PRO A 125 8.56 -15.20 44.87
C PRO A 125 7.17 -14.58 44.70
N CYS A 126 6.24 -15.05 45.53
CA CYS A 126 4.86 -14.60 45.47
C CYS A 126 4.64 -13.22 46.06
N GLY A 127 5.64 -12.59 46.62
CA GLY A 127 5.43 -11.33 47.29
C GLY A 127 5.40 -10.13 46.38
N LEU A 128 6.50 -9.90 45.66
CA LEU A 128 6.74 -8.57 45.13
C LEU A 128 5.92 -8.28 43.89
N THR A 129 5.70 -9.27 43.02
CA THR A 129 5.04 -9.00 41.75
C THR A 129 3.55 -8.74 41.96
N GLU A 130 2.96 -9.41 42.95
CA GLU A 130 1.58 -9.13 43.30
C GLU A 130 1.46 -7.96 44.24
N SER A 131 2.58 -7.48 44.79
CA SER A 131 2.55 -6.23 45.53
C SER A 131 2.54 -5.04 44.59
N VAL A 132 3.38 -5.05 43.56
CA VAL A 132 3.39 -3.94 42.62
C VAL A 132 2.20 -4.01 41.68
N GLU A 133 1.56 -5.17 41.56
CA GLU A 133 0.34 -5.25 40.79
C GLU A 133 -0.79 -4.52 41.48
N VAL A 134 -0.89 -4.66 42.81
CA VAL A 134 -1.99 -4.03 43.51
C VAL A 134 -1.70 -2.56 43.84
N LEU A 135 -0.43 -2.16 43.80
CA LEU A 135 -0.13 -0.75 44.05
C LEU A 135 -0.53 0.12 42.88
N CYS A 136 -0.42 -0.41 41.66
CA CYS A 136 -0.92 0.35 40.52
C CYS A 136 -2.44 0.33 40.47
N LEU A 137 -3.07 -0.71 41.04
CA LEU A 137 -4.52 -0.74 41.03
C LEU A 137 -5.11 0.29 41.97
N LEU A 138 -4.34 0.73 42.97
CA LEU A 138 -4.81 1.77 43.87
C LEU A 138 -4.90 3.12 43.15
N VAL A 139 -3.87 3.47 42.37
CA VAL A 139 -3.84 4.79 41.79
C VAL A 139 -4.83 4.88 40.63
N PHE A 140 -5.12 3.76 39.98
CA PHE A 140 -6.19 3.76 38.99
C PHE A 140 -7.55 3.89 39.66
N ALA A 141 -7.71 3.28 40.84
CA ALA A 141 -8.93 3.47 41.61
C ALA A 141 -9.01 4.89 42.14
N ALA A 142 -7.87 5.48 42.49
CA ALA A 142 -7.84 6.89 42.84
C ALA A 142 -8.11 7.77 41.63
N ASP A 143 -7.71 7.32 40.44
CA ASP A 143 -7.97 8.09 39.23
C ASP A 143 -9.45 8.09 38.87
N LEU A 144 -10.10 6.93 39.03
CA LEU A 144 -11.52 6.82 38.69
C LEU A 144 -12.37 7.66 39.65
N SER A 145 -11.98 7.69 40.92
CA SER A 145 -12.79 8.35 41.93
C SER A 145 -12.81 9.86 41.72
N VAL A 146 -11.63 10.45 41.52
CA VAL A 146 -11.59 11.90 41.32
C VAL A 146 -12.04 12.31 39.93
N LYS A 147 -12.12 11.37 38.98
CA LYS A 147 -12.70 11.71 37.68
C LYS A 147 -14.21 11.67 37.73
N GLY A 148 -14.77 10.79 38.54
CA GLY A 148 -16.22 10.72 38.67
C GLY A 148 -16.77 11.75 39.62
N TYR A 149 -16.01 12.04 40.69
CA TYR A 149 -16.43 13.04 41.67
C TYR A 149 -16.43 14.42 41.05
N LEU A 150 -15.43 14.71 40.24
CA LEU A 150 -15.36 16.02 39.61
C LEU A 150 -16.31 16.15 38.44
N PHE A 151 -16.67 15.04 37.80
CA PHE A 151 -17.66 15.10 36.75
C PHE A 151 -19.04 14.88 37.34
N GLY A 152 -20.05 14.93 36.47
CA GLY A 152 -21.40 14.72 36.92
C GLY A 152 -21.66 13.25 37.25
N TRP A 153 -22.53 13.05 38.23
CA TRP A 153 -22.90 11.69 38.62
C TRP A 153 -23.72 11.02 37.53
N ALA A 154 -24.70 11.74 36.98
CA ALA A 154 -25.44 11.21 35.84
C ALA A 154 -24.58 11.16 34.59
N HIS A 155 -23.61 12.06 34.50
CA HIS A 155 -22.61 12.02 33.43
C HIS A 155 -21.77 10.75 33.51
N PHE A 156 -21.56 10.25 34.73
CA PHE A 156 -20.78 9.03 34.92
C PHE A 156 -21.51 7.81 34.35
N GLN A 157 -22.81 7.70 34.59
CA GLN A 157 -23.55 6.54 34.12
C GLN A 157 -23.77 6.55 32.61
N LYS A 158 -23.68 7.72 31.98
CA LYS A 158 -23.88 7.76 30.55
C LYS A 158 -22.60 7.46 29.78
N ASN A 159 -21.47 7.93 30.29
CA ASN A 159 -20.19 7.80 29.57
C ASN A 159 -19.69 6.37 29.66
N LEU A 160 -19.60 5.70 28.51
CA LEU A 160 -19.32 4.26 28.47
C LEU A 160 -17.92 3.92 28.93
N TRP A 161 -16.97 4.84 28.76
CA TRP A 161 -15.59 4.52 29.08
C TRP A 161 -15.35 4.52 30.58
N LEU A 162 -16.10 5.35 31.32
CA LEU A 162 -15.97 5.32 32.77
C LEU A 162 -16.59 4.06 33.36
N LEU A 163 -17.67 3.57 32.75
CA LEU A 163 -18.26 2.30 33.20
C LEU A 163 -17.33 1.14 32.92
N GLY A 164 -16.75 1.10 31.72
CA GLY A 164 -15.79 0.06 31.41
C GLY A 164 -14.53 0.16 32.22
N TYR A 165 -14.19 1.36 32.68
CA TYR A 165 -13.09 1.53 33.62
C TYR A 165 -13.42 0.89 34.96
N LEU A 166 -14.69 0.87 35.32
CA LEU A 166 -15.09 0.35 36.62
C LEU A 166 -15.14 -1.17 36.62
N VAL A 167 -15.71 -1.77 35.58
CA VAL A 167 -15.83 -3.22 35.51
C VAL A 167 -14.46 -3.88 35.39
N VAL A 168 -13.52 -3.22 34.73
CA VAL A 168 -12.17 -3.77 34.60
C VAL A 168 -11.46 -3.76 35.96
N LEU A 169 -11.73 -2.74 36.77
CA LEU A 169 -11.09 -2.64 38.08
C LEU A 169 -11.53 -3.73 39.03
N VAL A 170 -12.82 -4.05 39.05
CA VAL A 170 -13.27 -5.06 40.00
C VAL A 170 -12.88 -6.46 39.54
N VAL A 171 -12.85 -6.71 38.23
CA VAL A 171 -12.40 -8.00 37.72
C VAL A 171 -10.91 -8.18 37.98
N SER A 172 -10.14 -7.11 37.84
CA SER A 172 -8.72 -7.19 38.15
C SER A 172 -8.47 -7.35 39.64
N LEU A 173 -9.38 -6.86 40.48
CA LEU A 173 -9.16 -6.97 41.91
C LEU A 173 -9.62 -8.32 42.45
N VAL A 174 -10.72 -8.85 41.90
CA VAL A 174 -11.17 -10.18 42.27
C VAL A 174 -10.13 -11.22 41.87
N ASP A 175 -9.59 -11.09 40.65
CA ASP A 175 -8.59 -12.03 40.17
C ASP A 175 -7.28 -11.88 40.94
N TRP A 176 -7.03 -10.72 41.51
CA TRP A 176 -5.83 -10.55 42.32
C TRP A 176 -5.95 -11.31 43.63
N THR A 177 -7.08 -11.16 44.32
CA THR A 177 -7.24 -11.80 45.61
C THR A 177 -7.46 -13.31 45.49
N VAL A 178 -7.91 -13.78 44.33
CA VAL A 178 -8.05 -15.22 44.13
C VAL A 178 -6.68 -15.85 43.93
N SER A 179 -5.87 -15.24 43.07
CA SER A 179 -4.50 -15.70 42.86
C SER A 179 -3.61 -15.49 44.06
N LEU A 180 -4.02 -14.64 45.00
CA LEU A 180 -3.26 -14.48 46.23
C LEU A 180 -3.63 -15.51 47.27
N SER A 181 -4.87 -16.00 47.24
CA SER A 181 -5.31 -17.02 48.18
C SER A 181 -4.57 -18.33 47.94
N LEU A 182 -4.58 -18.82 46.71
CA LEU A 182 -3.66 -19.86 46.30
C LEU A 182 -2.24 -19.31 46.31
N VAL A 183 -1.27 -20.19 46.45
CA VAL A 183 0.13 -19.75 46.40
C VAL A 183 0.57 -19.80 44.93
N CYS A 184 0.11 -18.78 44.20
CA CYS A 184 0.55 -18.40 42.85
C CYS A 184 0.43 -19.49 41.80
N HIS A 185 -0.23 -20.61 42.11
CA HIS A 185 -0.19 -21.78 41.26
C HIS A 185 -1.34 -21.83 40.27
N GLU A 186 -2.07 -20.74 40.15
CA GLU A 186 -2.97 -20.59 39.03
C GLU A 186 -2.14 -20.45 37.76
N PRO A 187 -2.40 -21.26 36.74
CA PRO A 187 -1.58 -21.19 35.51
C PRO A 187 -1.82 -19.92 34.72
N LEU A 188 -3.08 -19.60 34.46
CA LEU A 188 -3.45 -18.51 33.59
C LEU A 188 -4.00 -17.35 34.39
N ARG A 189 -3.60 -16.14 34.05
CA ARG A 189 -3.96 -14.94 34.80
C ARG A 189 -4.80 -14.05 33.90
N ILE A 190 -6.11 -14.07 34.12
CA ILE A 190 -7.03 -13.37 33.24
C ILE A 190 -6.95 -11.87 33.45
N ARG A 191 -6.47 -11.42 34.60
CA ARG A 191 -6.31 -9.99 34.85
C ARG A 191 -5.21 -9.38 34.02
N ARG A 192 -4.27 -10.19 33.49
CA ARG A 192 -3.23 -9.65 32.65
C ARG A 192 -3.76 -9.18 31.29
N LEU A 193 -4.88 -9.75 30.84
CA LEU A 193 -5.43 -9.32 29.56
C LEU A 193 -6.13 -7.98 29.65
N LEU A 194 -6.61 -7.61 30.83
CA LEU A 194 -7.37 -6.38 30.94
C LEU A 194 -6.48 -5.17 31.13
N ARG A 195 -5.17 -5.36 31.24
CA ARG A 195 -4.25 -4.25 31.41
C ARG A 195 -4.21 -3.24 30.27
N PRO A 196 -4.29 -3.60 28.97
CA PRO A 196 -4.28 -2.55 27.94
C PRO A 196 -5.52 -1.66 27.92
N PHE A 197 -6.57 -1.97 28.67
CA PHE A 197 -7.67 -1.02 28.76
C PHE A 197 -7.29 0.20 29.56
N PHE A 198 -6.28 0.09 30.43
CA PHE A 198 -5.83 1.27 31.15
C PHE A 198 -5.05 2.22 30.25
N LEU A 199 -4.42 1.69 29.21
CA LEU A 199 -3.80 2.56 28.23
C LEU A 199 -4.85 3.24 27.37
N LEU A 200 -5.89 2.50 26.98
CA LEU A 200 -6.92 3.02 26.10
C LEU A 200 -7.81 4.04 26.78
N GLN A 201 -7.84 4.06 28.10
CA GLN A 201 -8.77 4.93 28.80
C GLN A 201 -8.29 6.37 28.81
N ASN A 202 -7.03 6.58 29.18
CA ASN A 202 -6.53 7.93 29.37
C ASN A 202 -6.00 8.57 28.10
N SER A 203 -6.11 7.90 26.96
CA SER A 203 -5.66 8.46 25.70
C SER A 203 -6.81 9.14 24.97
N SER A 204 -6.51 10.28 24.37
CA SER A 204 -7.50 11.03 23.62
C SER A 204 -7.31 10.93 22.11
N MET A 205 -6.22 10.30 21.66
CA MET A 205 -6.00 10.10 20.24
C MET A 205 -6.34 8.69 19.78
N MET A 206 -6.20 7.69 20.64
CA MET A 206 -6.63 6.35 20.28
C MET A 206 -8.14 6.25 20.22
N LYS A 207 -8.85 7.05 21.01
CA LYS A 207 -10.31 7.04 20.95
C LYS A 207 -10.82 7.61 19.64
N LYS A 208 -10.08 8.52 19.02
CA LYS A 208 -10.44 8.95 17.69
C LYS A 208 -10.18 7.85 16.67
N THR A 209 -9.02 7.21 16.76
CA THR A 209 -8.62 6.21 15.78
C THR A 209 -9.47 4.96 15.87
N LEU A 210 -9.94 4.61 17.06
CA LEU A 210 -10.81 3.45 17.18
C LEU A 210 -12.20 3.72 16.61
N LYS A 211 -12.61 4.98 16.58
CA LYS A 211 -13.89 5.30 15.97
C LYS A 211 -13.80 5.26 14.46
N CYS A 212 -12.63 5.59 13.91
CA CYS A 212 -12.49 5.58 12.45
C CYS A 212 -12.48 4.15 11.92
N ILE A 213 -11.89 3.22 12.67
CA ILE A 213 -11.91 1.84 12.21
C ILE A 213 -13.23 1.16 12.55
N ARG A 214 -14.04 1.74 13.43
CA ARG A 214 -15.37 1.18 13.64
C ARG A 214 -16.32 1.56 12.53
N TRP A 215 -16.13 2.73 11.92
CA TRP A 215 -16.96 3.10 10.80
C TRP A 215 -16.58 2.37 9.53
N SER A 216 -15.35 1.88 9.44
CA SER A 216 -14.90 1.13 8.27
C SER A 216 -15.26 -0.33 8.33
N LEU A 217 -15.82 -0.78 9.45
CA LEU A 217 -16.02 -2.22 9.64
C LEU A 217 -17.06 -2.89 8.74
N PRO A 218 -18.24 -2.33 8.45
CA PRO A 218 -19.17 -3.07 7.59
C PRO A 218 -18.74 -3.17 6.14
N GLU A 219 -17.78 -2.37 5.69
CA GLU A 219 -17.22 -2.55 4.37
C GLU A 219 -16.09 -3.56 4.36
N MET A 220 -15.32 -3.65 5.43
CA MET A 220 -14.25 -4.65 5.49
C MET A 220 -14.79 -6.05 5.64
N ALA A 221 -15.99 -6.19 6.20
CA ALA A 221 -16.58 -7.52 6.27
C ALA A 221 -17.07 -7.99 4.92
N SER A 222 -17.42 -7.05 4.03
CA SER A 222 -17.90 -7.44 2.71
C SER A 222 -16.77 -7.96 1.83
N VAL A 223 -15.62 -7.28 1.86
CA VAL A 223 -14.47 -7.75 1.10
C VAL A 223 -13.90 -9.01 1.74
N GLY A 224 -13.99 -9.12 3.07
CA GLY A 224 -13.68 -10.38 3.70
C GLY A 224 -14.63 -11.49 3.32
N LEU A 225 -15.90 -11.16 3.10
CA LEU A 225 -16.85 -12.14 2.59
C LEU A 225 -16.53 -12.51 1.15
N LEU A 226 -16.24 -11.52 0.32
CA LEU A 226 -15.94 -11.76 -1.09
C LEU A 226 -14.64 -12.51 -1.28
N LEU A 227 -13.73 -12.40 -0.32
CA LEU A 227 -12.48 -13.13 -0.42
C LEU A 227 -12.66 -14.59 -0.03
N ALA A 228 -13.52 -14.86 0.94
CA ALA A 228 -13.78 -16.24 1.33
C ALA A 228 -14.53 -17.00 0.25
N ILE A 229 -15.40 -16.31 -0.49
CA ILE A 229 -16.01 -16.88 -1.69
C ILE A 229 -14.94 -17.19 -2.72
N HIS A 230 -13.97 -16.29 -2.85
CA HIS A 230 -12.92 -16.42 -3.84
C HIS A 230 -11.99 -17.59 -3.55
N LEU A 231 -11.79 -17.90 -2.27
CA LEU A 231 -10.97 -19.05 -1.91
C LEU A 231 -11.65 -20.36 -2.27
N CYS A 232 -12.81 -20.62 -1.65
CA CYS A 232 -13.48 -21.92 -1.73
C CYS A 232 -13.94 -22.28 -3.14
N LEU A 233 -14.03 -21.31 -4.03
CA LEU A 233 -14.18 -21.64 -5.44
C LEU A 233 -12.93 -22.31 -5.97
N PHE A 234 -11.76 -21.74 -5.70
CA PHE A 234 -10.54 -22.27 -6.30
C PHE A 234 -10.00 -23.50 -5.58
N THR A 235 -10.45 -23.77 -4.36
CA THR A 235 -10.14 -25.06 -3.76
C THR A 235 -10.82 -26.18 -4.50
N MET A 236 -12.11 -26.00 -4.82
CA MET A 236 -12.82 -26.99 -5.61
C MET A 236 -12.30 -27.05 -7.03
N PHE A 237 -11.99 -25.90 -7.60
CA PHE A 237 -11.46 -25.88 -8.96
C PHE A 237 -10.04 -26.39 -9.01
N GLY A 238 -9.29 -26.23 -7.94
CA GLY A 238 -7.93 -26.75 -7.92
C GLY A 238 -7.90 -28.25 -7.72
N MET A 239 -8.79 -28.78 -6.88
CA MET A 239 -8.79 -30.18 -6.53
C MET A 239 -9.25 -31.06 -7.69
N LEU A 240 -9.92 -30.49 -8.69
CA LEU A 240 -10.25 -31.25 -9.87
C LEU A 240 -9.05 -31.38 -10.79
N LEU A 241 -8.26 -30.31 -10.91
CA LEU A 241 -7.20 -30.28 -11.90
C LEU A 241 -6.01 -31.12 -11.46
N PHE A 242 -5.69 -31.11 -10.18
CA PHE A 242 -4.41 -31.62 -9.73
C PHE A 242 -4.48 -32.94 -8.98
N ALA A 243 -5.61 -33.22 -8.32
CA ALA A 243 -5.80 -34.55 -7.76
C ALA A 243 -6.27 -35.55 -8.81
N GLY A 244 -6.66 -35.08 -9.99
CA GLY A 244 -7.05 -35.97 -11.06
C GLY A 244 -5.86 -36.55 -11.80
N LEU A 256 0.04 -33.77 -6.81
CA LEU A 256 0.65 -32.70 -6.03
C LEU A 256 0.50 -32.97 -4.55
N THR A 257 1.57 -32.73 -3.79
CA THR A 257 1.49 -32.81 -2.34
C THR A 257 0.70 -31.66 -1.73
N TYR A 258 0.47 -30.59 -2.50
CA TYR A 258 -0.30 -29.47 -2.01
C TYR A 258 -1.80 -29.70 -2.13
N PHE A 259 -2.21 -30.49 -3.12
CA PHE A 259 -3.63 -30.72 -3.39
C PHE A 259 -3.89 -32.21 -3.22
N GLN A 260 -4.16 -32.60 -1.98
CA GLN A 260 -4.48 -33.97 -1.65
C GLN A 260 -5.63 -34.09 -0.67
N ASN A 261 -6.20 -32.98 -0.21
CA ASN A 261 -7.23 -33.01 0.82
C ASN A 261 -7.98 -31.70 0.78
N LEU A 262 -9.11 -31.65 1.49
CA LEU A 262 -9.81 -30.38 1.62
C LEU A 262 -9.08 -29.38 2.53
N PRO A 263 -8.68 -29.72 3.78
CA PRO A 263 -7.99 -28.69 4.56
C PRO A 263 -6.55 -28.46 4.14
N GLU A 264 -5.95 -29.39 3.40
CA GLU A 264 -4.59 -29.15 2.93
C GLU A 264 -4.59 -28.19 1.75
N SER A 265 -5.51 -28.36 0.81
CA SER A 265 -5.58 -27.46 -0.32
C SER A 265 -6.11 -26.10 0.08
N LEU A 266 -6.93 -26.05 1.12
CA LEU A 266 -7.41 -24.78 1.63
C LEU A 266 -6.29 -24.00 2.28
N THR A 267 -5.38 -24.69 2.96
CA THR A 267 -4.25 -24.01 3.56
C THR A 267 -3.27 -23.52 2.51
N SER A 268 -3.09 -24.31 1.45
CA SER A 268 -2.09 -23.98 0.44
C SER A 268 -2.51 -22.75 -0.36
N LEU A 269 -3.80 -22.57 -0.55
CA LEU A 269 -4.25 -21.37 -1.26
C LEU A 269 -4.21 -20.15 -0.37
N LEU A 270 -4.44 -20.34 0.93
CA LEU A 270 -4.42 -19.20 1.84
C LEU A 270 -3.02 -18.63 1.99
N VAL A 271 -2.02 -19.51 2.02
CA VAL A 271 -0.65 -19.04 2.08
C VAL A 271 -0.23 -18.45 0.75
N LEU A 272 -0.80 -18.90 -0.36
CA LEU A 272 -0.52 -18.27 -1.64
C LEU A 272 -1.18 -16.90 -1.72
N LEU A 273 -2.26 -16.69 -0.96
CA LEU A 273 -2.98 -15.43 -1.03
C LEU A 273 -2.12 -14.28 -0.51
N THR A 274 -1.29 -14.54 0.47
CA THR A 274 -0.31 -13.57 0.91
C THR A 274 1.04 -13.73 0.24
N THR A 275 1.11 -14.56 -0.79
CA THR A 275 2.31 -14.83 -1.62
C THR A 275 3.52 -15.21 -0.79
N ALA A 276 3.33 -16.12 0.16
CA ALA A 276 4.45 -16.61 0.92
C ALA A 276 5.11 -17.83 0.29
N ASN A 277 4.42 -18.55 -0.59
CA ASN A 277 5.04 -19.59 -1.42
C ASN A 277 4.64 -19.37 -2.87
N ASN A 278 5.33 -18.48 -3.55
CA ASN A 278 4.91 -18.31 -4.93
C ASN A 278 5.47 -19.36 -5.89
N PRO A 279 6.79 -19.60 -6.00
CA PRO A 279 7.20 -20.57 -7.02
C PRO A 279 6.98 -22.00 -6.55
N ASP A 280 7.02 -22.21 -5.24
CA ASP A 280 7.07 -23.55 -4.69
C ASP A 280 5.74 -24.25 -4.72
N VAL A 281 4.65 -23.52 -4.92
CA VAL A 281 3.34 -24.15 -4.93
C VAL A 281 2.92 -24.55 -6.35
N MET A 282 3.60 -24.06 -7.37
CA MET A 282 3.16 -24.27 -8.73
C MET A 282 4.11 -25.09 -9.57
N ILE A 283 5.33 -25.31 -9.10
CA ILE A 283 6.33 -26.01 -9.92
C ILE A 283 6.05 -27.47 -10.24
N PRO A 284 5.26 -28.28 -9.48
CA PRO A 284 4.88 -29.57 -10.06
C PRO A 284 3.95 -29.42 -11.24
N ALA A 285 2.92 -28.58 -11.11
CA ALA A 285 1.95 -28.40 -12.17
C ALA A 285 2.55 -27.68 -13.36
N TYR A 286 3.44 -26.73 -13.11
CA TYR A 286 4.08 -26.01 -14.21
C TYR A 286 5.10 -26.88 -14.93
N SER A 287 5.65 -27.89 -14.28
CA SER A 287 6.55 -28.80 -14.97
C SER A 287 5.81 -29.89 -15.72
N LYS A 288 4.50 -30.02 -15.52
CA LYS A 288 3.71 -30.94 -16.32
C LYS A 288 3.20 -30.27 -17.59
N ASN A 289 2.86 -28.99 -17.51
CA ASN A 289 2.36 -28.26 -18.66
C ASN A 289 2.59 -26.78 -18.43
N ARG A 290 2.82 -26.06 -19.52
CA ARG A 290 2.98 -24.61 -19.43
C ARG A 290 1.67 -23.90 -19.15
N ALA A 291 0.55 -24.51 -19.48
CA ALA A 291 -0.72 -23.81 -19.37
C ALA A 291 -1.22 -23.70 -17.95
N TYR A 292 -0.66 -24.44 -17.01
CA TYR A 292 -1.10 -24.38 -15.62
C TYR A 292 -0.67 -23.12 -14.92
N ALA A 293 0.18 -22.30 -15.55
CA ALA A 293 0.57 -21.03 -14.97
C ALA A 293 -0.58 -20.04 -14.94
N ILE A 294 -1.58 -20.20 -15.80
CA ILE A 294 -2.68 -19.26 -15.84
C ILE A 294 -3.57 -19.42 -14.62
N PHE A 295 -3.61 -20.62 -14.04
CA PHE A 295 -4.45 -20.83 -12.86
C PHE A 295 -3.90 -20.09 -11.65
N PHE A 296 -2.57 -20.06 -11.51
CA PHE A 296 -1.99 -19.38 -10.36
C PHE A 296 -1.78 -17.90 -10.60
N ILE A 297 -1.62 -17.48 -11.86
CA ILE A 297 -1.47 -16.06 -12.15
C ILE A 297 -2.76 -15.33 -11.87
N VAL A 298 -3.89 -15.91 -12.27
CA VAL A 298 -5.19 -15.30 -12.05
C VAL A 298 -5.53 -15.24 -10.56
N PHE A 299 -5.12 -16.26 -9.80
CA PHE A 299 -5.46 -16.30 -8.39
C PHE A 299 -4.75 -15.21 -7.59
N THR A 300 -3.52 -14.90 -7.93
CA THR A 300 -2.83 -13.84 -7.22
C THR A 300 -3.08 -12.46 -7.79
N VAL A 301 -3.60 -12.36 -9.01
CA VAL A 301 -4.00 -11.06 -9.52
C VAL A 301 -5.32 -10.63 -8.90
N ILE A 302 -6.28 -11.54 -8.86
CA ILE A 302 -7.56 -11.23 -8.24
C ILE A 302 -7.41 -11.16 -6.72
N GLY A 303 -6.69 -12.11 -6.15
CA GLY A 303 -6.52 -12.19 -4.72
C GLY A 303 -5.67 -11.09 -4.12
N SER A 304 -4.38 -11.08 -4.43
CA SER A 304 -3.47 -10.20 -3.72
C SER A 304 -3.54 -8.78 -4.25
N LEU A 305 -3.73 -8.61 -5.55
CA LEU A 305 -3.64 -7.25 -6.07
C LEU A 305 -4.96 -6.49 -5.91
N PHE A 306 -6.08 -7.06 -6.33
CA PHE A 306 -7.35 -6.34 -6.19
C PHE A 306 -7.78 -6.29 -4.74
N LEU A 307 -7.97 -7.44 -4.12
CA LEU A 307 -8.72 -7.48 -2.88
C LEU A 307 -7.92 -7.03 -1.68
N MET A 308 -6.60 -7.21 -1.67
CA MET A 308 -5.83 -6.69 -0.54
C MET A 308 -5.69 -5.18 -0.64
N ASN A 309 -5.46 -4.66 -1.84
CA ASN A 309 -5.34 -3.23 -1.99
C ASN A 309 -6.69 -2.55 -1.94
N LEU A 310 -7.78 -3.30 -2.09
CA LEU A 310 -9.09 -2.73 -1.84
C LEU A 310 -9.30 -2.48 -0.36
N LEU A 311 -8.66 -3.28 0.49
CA LEU A 311 -8.80 -3.06 1.92
C LEU A 311 -8.09 -1.80 2.37
N THR A 312 -7.04 -1.40 1.67
CA THR A 312 -6.36 -0.16 2.02
C THR A 312 -7.20 1.04 1.67
N ALA A 313 -7.84 1.00 0.52
CA ALA A 313 -8.65 2.13 0.07
C ALA A 313 -9.90 2.29 0.92
N ILE A 314 -10.40 1.21 1.48
CA ILE A 314 -11.58 1.28 2.33
C ILE A 314 -11.25 1.93 3.66
N ILE A 315 -10.08 1.59 4.22
CA ILE A 315 -9.67 2.16 5.49
C ILE A 315 -9.33 3.63 5.32
N TYR A 316 -8.64 4.00 4.24
CA TYR A 316 -8.26 5.38 4.01
C TYR A 316 -9.46 6.27 3.75
N SER A 317 -10.58 5.70 3.31
CA SER A 317 -11.81 6.47 3.13
C SER A 317 -12.40 7.01 4.42
N GLN A 318 -11.95 6.55 5.58
CA GLN A 318 -12.38 7.12 6.85
C GLN A 318 -11.35 8.06 7.45
N PHE A 319 -10.08 7.88 7.12
CA PHE A 319 -9.02 8.74 7.61
C PHE A 319 -8.76 9.91 6.69
N ARG A 320 -9.68 10.18 5.77
CA ARG A 320 -9.41 11.17 4.73
C ARG A 320 -9.40 12.57 5.28
N GLY A 321 -10.19 12.85 6.30
CA GLY A 321 -10.24 14.17 6.88
C GLY A 321 -9.78 14.17 8.31
N TYR A 322 -8.71 13.45 8.60
CA TYR A 322 -8.35 13.18 9.99
C TYR A 322 -7.78 14.41 10.67
N LEU A 323 -6.70 14.96 10.14
CA LEU A 323 -6.03 16.05 10.83
C LEU A 323 -6.81 17.35 10.77
N MET A 324 -7.57 17.57 9.69
CA MET A 324 -8.31 18.81 9.58
C MET A 324 -9.51 18.83 10.53
N LYS A 325 -10.18 17.69 10.68
CA LYS A 325 -11.26 17.63 11.65
C LYS A 325 -10.75 17.51 13.06
N SER A 326 -9.45 17.24 13.25
CA SER A 326 -8.87 17.36 14.58
C SER A 326 -8.65 18.82 14.95
N LEU A 327 -8.19 19.62 13.99
CA LEU A 327 -7.93 21.03 14.28
C LEU A 327 -9.23 21.81 14.47
N GLN A 328 -10.30 21.38 13.84
CA GLN A 328 -11.56 22.11 13.94
C GLN A 328 -12.17 21.96 15.32
N THR A 329 -12.19 20.75 15.86
CA THR A 329 -12.73 20.56 17.20
C THR A 329 -11.81 21.08 18.28
N SER A 330 -10.55 21.34 17.96
CA SER A 330 -9.68 22.04 18.90
C SER A 330 -10.07 23.51 19.00
N LEU A 331 -10.28 24.15 17.85
CA LEU A 331 -10.64 25.56 17.85
C LEU A 331 -12.06 25.77 18.35
N PHE A 332 -12.93 24.79 18.11
CA PHE A 332 -14.31 24.90 18.57
C PHE A 332 -14.38 24.84 20.09
N ARG A 333 -13.50 24.05 20.71
CA ARG A 333 -13.51 23.98 22.17
C ARG A 333 -12.89 25.23 22.79
N ARG A 334 -12.01 25.91 22.08
CA ARG A 334 -11.49 27.17 22.57
C ARG A 334 -12.50 28.30 22.38
N ARG A 335 -13.38 28.19 21.38
CA ARG A 335 -14.39 29.22 21.16
C ARG A 335 -15.39 29.26 22.31
N LEU A 336 -15.95 28.10 22.67
CA LEU A 336 -16.87 28.10 23.80
C LEU A 336 -16.15 28.21 25.13
N GLY A 337 -14.83 28.02 25.14
CA GLY A 337 -14.07 28.17 26.36
C GLY A 337 -14.00 29.61 26.81
N THR A 338 -13.53 30.50 25.95
CA THR A 338 -13.42 31.90 26.34
C THR A 338 -14.78 32.57 26.41
N ARG A 339 -15.76 32.08 25.65
CA ARG A 339 -17.09 32.67 25.66
C ARG A 339 -17.78 32.45 26.99
N ALA A 340 -17.65 31.25 27.55
CA ALA A 340 -18.15 31.01 28.89
C ALA A 340 -17.31 31.75 29.93
N ALA A 341 -16.04 31.99 29.63
CA ALA A 341 -15.21 32.81 30.51
C ALA A 341 -15.65 34.25 30.46
N PHE A 342 -15.98 34.75 29.27
CA PHE A 342 -16.52 36.09 29.13
C PHE A 342 -17.88 36.21 29.81
N GLU A 343 -18.73 35.20 29.64
CA GLU A 343 -20.11 35.27 30.11
C GLU A 343 -20.19 35.29 31.63
N VAL A 344 -19.25 34.65 32.30
CA VAL A 344 -19.25 34.70 33.75
C VAL A 344 -18.55 35.98 34.23
N LEU A 345 -17.63 36.52 33.42
CA LEU A 345 -16.92 37.71 33.85
C LEU A 345 -17.70 38.97 33.50
N SER A 346 -18.51 38.93 32.45
CA SER A 346 -19.34 40.07 32.11
C SER A 346 -20.45 40.27 33.12
N SER A 347 -20.85 39.21 33.81
CA SER A 347 -21.87 39.28 34.85
C SER A 347 -21.28 39.16 36.24
N MET A 348 -20.09 39.72 36.44
CA MET A 348 -19.49 39.75 37.77
C MET A 348 -20.29 40.68 38.69
N VAL A 349 -20.31 41.96 38.37
CA VAL A 349 -21.16 42.90 39.09
C VAL A 349 -22.12 43.65 38.20
N GLY A 350 -21.89 43.72 36.89
CA GLY A 350 -22.79 44.41 35.98
C GLY A 350 -23.73 43.50 35.25
N ALA A 358 -23.76 49.14 31.18
CA ALA A 358 -23.67 48.43 29.91
C ALA A 358 -23.06 47.05 30.09
N VAL A 359 -22.78 46.38 28.99
CA VAL A 359 -22.28 45.01 28.99
C VAL A 359 -20.82 45.04 28.61
N GLY A 360 -19.95 44.81 29.58
CA GLY A 360 -18.52 44.76 29.32
C GLY A 360 -17.82 44.19 30.51
N VAL A 361 -16.53 43.92 30.33
CA VAL A 361 -15.71 43.30 31.37
C VAL A 361 -14.61 44.27 31.77
N LYS A 362 -14.54 44.58 33.06
CA LYS A 362 -13.59 45.56 33.55
C LYS A 362 -12.17 45.02 33.48
N PRO A 363 -11.21 45.81 33.00
CA PRO A 363 -9.82 45.33 32.89
C PRO A 363 -9.13 45.12 34.23
N GLN A 364 -9.64 45.69 35.31
CA GLN A 364 -9.07 45.39 36.61
C GLN A 364 -9.40 43.99 37.06
N ASN A 365 -10.55 43.48 36.63
CA ASN A 365 -10.81 42.06 36.76
C ASN A 365 -9.88 41.24 35.88
N LEU A 366 -9.47 41.80 34.74
CA LEU A 366 -8.55 41.07 33.88
C LEU A 366 -7.16 41.02 34.48
N LEU A 367 -6.79 42.03 35.28
CA LEU A 367 -5.42 42.15 35.76
C LEU A 367 -5.06 41.04 36.72
N GLN A 368 -6.02 40.56 37.50
CA GLN A 368 -5.76 39.51 38.45
C GLN A 368 -5.87 38.12 37.85
N VAL A 369 -6.76 37.92 36.86
CA VAL A 369 -6.94 36.59 36.32
C VAL A 369 -5.77 36.18 35.42
N LEU A 370 -5.27 37.11 34.60
CA LEU A 370 -4.23 36.75 33.66
C LEU A 370 -2.87 36.60 34.33
N GLN A 371 -2.76 36.98 35.59
CA GLN A 371 -1.57 36.70 36.37
C GLN A 371 -1.58 35.27 36.87
N LYS A 372 -2.72 34.80 37.38
CA LYS A 372 -2.79 33.51 38.06
C LYS A 372 -2.86 32.33 37.10
N VAL A 373 -3.02 32.56 35.80
CA VAL A 373 -3.02 31.47 34.85
C VAL A 373 -1.59 30.99 34.63
N GLN A 374 -1.47 29.77 34.13
CA GLN A 374 -0.18 29.18 33.80
C GLN A 374 -0.03 29.19 32.28
N LEU A 375 1.03 29.83 31.81
CA LEU A 375 1.17 30.08 30.38
C LEU A 375 2.64 30.36 30.13
N ASP A 376 3.01 30.42 28.85
CA ASP A 376 4.29 31.01 28.50
C ASP A 376 4.29 32.48 28.86
N SER A 377 5.42 32.95 29.41
CA SER A 377 5.54 34.36 29.76
C SER A 377 5.63 35.26 28.55
N SER A 378 5.91 34.70 27.37
CA SER A 378 5.90 35.48 26.14
C SER A 378 4.48 35.94 25.79
N HIS A 379 3.52 35.01 25.78
CA HIS A 379 2.14 35.39 25.55
C HIS A 379 1.53 36.06 26.77
N LYS A 380 2.09 35.82 27.96
CA LYS A 380 1.53 36.40 29.17
C LYS A 380 1.76 37.91 29.21
N GLN A 381 2.97 38.35 28.90
CA GLN A 381 3.26 39.78 28.88
C GLN A 381 2.54 40.48 27.73
N ALA A 382 2.26 39.75 26.64
CA ALA A 382 1.59 40.36 25.51
C ALA A 382 0.12 40.58 25.81
N MET A 383 -0.50 39.64 26.54
CA MET A 383 -1.83 39.88 27.09
C MET A 383 -1.82 41.05 28.05
N MET A 384 -0.79 41.13 28.89
CA MET A 384 -0.77 42.13 29.95
C MET A 384 -0.52 43.53 29.39
N GLU A 385 0.31 43.65 28.36
CA GLU A 385 0.53 44.96 27.76
C GLU A 385 -0.69 45.43 27.00
N LYS A 386 -1.41 44.49 26.38
CA LYS A 386 -2.56 44.86 25.55
C LYS A 386 -3.75 45.29 26.40
N VAL A 387 -3.88 44.72 27.59
CA VAL A 387 -4.95 45.19 28.48
C VAL A 387 -4.51 46.46 29.19
N ARG A 388 -3.19 46.64 29.38
CA ARG A 388 -2.69 47.89 29.94
C ARG A 388 -2.81 49.02 28.91
N SER A 389 -2.63 48.69 27.63
CA SER A 389 -2.87 49.67 26.58
C SER A 389 -4.33 50.06 26.53
N TYR A 390 -5.23 49.14 26.87
CA TYR A 390 -6.62 49.50 27.03
C TYR A 390 -6.80 50.35 28.27
N GLY A 391 -7.80 51.24 28.22
CA GLY A 391 -8.13 52.10 29.33
C GLY A 391 -9.02 51.40 30.33
N SER A 392 -9.80 52.19 31.06
CA SER A 392 -10.81 51.67 31.96
C SER A 392 -12.13 51.39 31.27
N VAL A 393 -12.14 51.36 29.93
CA VAL A 393 -13.36 51.10 29.18
C VAL A 393 -13.76 49.65 29.36
N LEU A 394 -15.06 49.40 29.41
CA LEU A 394 -15.56 48.04 29.55
C LEU A 394 -15.37 47.28 28.24
N LEU A 395 -14.65 46.17 28.31
CA LEU A 395 -14.22 45.45 27.12
C LEU A 395 -15.39 44.78 26.43
N SER A 396 -15.47 44.93 25.11
CA SER A 396 -16.59 44.41 24.35
C SER A 396 -16.43 42.91 24.10
N ALA A 397 -17.50 42.32 23.57
CA ALA A 397 -17.54 40.87 23.39
C ALA A 397 -16.65 40.42 22.24
N GLU A 398 -16.78 41.05 21.08
CA GLU A 398 -15.96 40.69 19.93
C GLU A 398 -14.49 41.01 20.19
N GLU A 399 -14.21 42.12 20.87
CA GLU A 399 -12.85 42.45 21.24
C GLU A 399 -12.31 41.52 22.32
N PHE A 400 -13.18 40.85 23.07
CA PHE A 400 -12.72 39.87 24.04
C PHE A 400 -12.24 38.60 23.35
N GLN A 401 -12.97 38.14 22.34
CA GLN A 401 -12.61 36.87 21.70
C GLN A 401 -11.39 37.04 20.81
N LYS A 402 -11.28 38.16 20.10
CA LYS A 402 -10.12 38.39 19.26
C LYS A 402 -8.88 38.75 20.06
N LEU A 403 -9.05 39.07 21.35
CA LEU A 403 -7.91 39.32 22.22
C LEU A 403 -7.08 38.06 22.40
N PHE A 404 -7.74 36.90 22.44
CA PHE A 404 -7.07 35.65 22.71
C PHE A 404 -6.48 35.01 21.48
N ASN A 405 -6.40 35.75 20.37
CA ASN A 405 -5.69 35.30 19.18
C ASN A 405 -4.20 35.58 19.27
N GLU A 406 -3.71 35.94 20.44
CA GLU A 406 -2.27 35.98 20.67
C GLU A 406 -1.68 34.60 20.81
N LEU A 407 -2.50 33.60 21.08
CA LEU A 407 -2.04 32.24 21.31
C LEU A 407 -1.76 31.49 20.02
N ASP A 408 -1.90 32.15 18.86
CA ASP A 408 -1.57 31.56 17.58
C ASP A 408 -0.17 31.93 17.11
N ARG A 409 0.37 33.04 17.61
CA ARG A 409 1.74 33.41 17.34
C ARG A 409 2.70 32.47 18.07
N SER A 410 3.86 32.22 17.45
CA SER A 410 4.95 31.50 18.10
C SER A 410 6.23 32.26 17.83
N VAL A 411 7.06 32.39 18.87
CA VAL A 411 8.31 33.13 18.80
C VAL A 411 9.46 32.15 19.03
N VAL A 412 10.44 32.16 18.14
CA VAL A 412 11.64 31.34 18.24
C VAL A 412 12.84 32.25 18.40
N LYS A 413 13.60 32.05 19.47
CA LYS A 413 14.90 32.66 19.66
C LYS A 413 15.88 31.55 20.03
N GLU A 414 17.17 31.87 20.09
CA GLU A 414 18.15 30.90 20.58
C GLU A 414 18.84 31.37 21.85
N HIS A 415 19.68 32.43 21.78
CA HIS A 415 20.49 33.04 22.83
C HIS A 415 21.28 34.24 22.31
N PRO A 416 21.66 35.19 23.17
CA PRO A 416 22.63 36.21 22.75
C PRO A 416 24.05 35.81 23.13
N PRO A 417 25.02 36.02 22.24
CA PRO A 417 26.42 35.74 22.58
C PRO A 417 27.01 36.80 23.51
N ARG A 418 28.18 36.45 24.07
CA ARG A 418 28.82 37.28 25.07
C ARG A 418 30.20 37.73 24.60
N PRO A 419 30.65 38.93 25.01
CA PRO A 419 32.00 39.40 24.64
C PRO A 419 33.09 38.99 25.61
N GLU A 420 34.30 39.52 25.37
CA GLU A 420 35.49 39.26 26.18
C GLU A 420 35.98 40.60 26.76
N TYR A 421 37.14 40.56 27.43
CA TYR A 421 37.82 41.79 27.83
C TYR A 421 38.56 42.42 26.66
N GLN A 422 39.55 41.72 26.13
CA GLN A 422 40.49 42.29 25.16
C GLN A 422 39.83 42.40 23.79
N SER A 423 39.77 43.62 23.27
CA SER A 423 39.02 43.93 22.06
C SER A 423 39.55 43.30 20.77
N PRO A 424 40.87 43.27 20.47
CA PRO A 424 41.28 42.54 19.25
C PRO A 424 41.13 41.03 19.38
N PHE A 425 41.15 40.50 20.60
CA PHE A 425 40.99 39.07 20.77
C PHE A 425 39.55 38.63 20.57
N LEU A 426 38.59 39.43 21.06
CA LEU A 426 37.19 39.07 20.88
C LEU A 426 36.72 39.31 19.45
N GLN A 427 37.20 40.37 18.82
CA GLN A 427 36.71 40.70 17.48
C GLN A 427 37.28 39.77 16.43
N SER A 428 38.44 39.16 16.69
CA SER A 428 38.94 38.18 15.73
C SER A 428 38.21 36.86 15.88
N ALA A 429 37.94 36.45 17.12
CA ALA A 429 37.33 35.15 17.37
C ALA A 429 35.89 35.09 16.89
N GLN A 430 35.10 36.12 17.21
CA GLN A 430 33.69 36.10 16.86
C GLN A 430 33.47 36.34 15.37
N PHE A 431 34.37 37.06 14.70
CA PHE A 431 34.19 37.32 13.28
C PHE A 431 34.72 36.21 12.38
N LEU A 432 35.57 35.32 12.90
CA LEU A 432 35.80 34.06 12.23
C LEU A 432 34.85 32.98 12.73
N PHE A 433 34.03 33.30 13.73
CA PHE A 433 32.98 32.38 14.15
C PHE A 433 31.72 32.58 13.33
N GLY A 434 31.34 33.82 13.06
CA GLY A 434 30.28 34.12 12.14
C GLY A 434 30.77 34.00 10.71
N HIS A 435 30.97 32.76 10.28
CA HIS A 435 31.70 32.43 9.06
C HIS A 435 30.91 31.56 8.12
N TYR A 436 30.10 30.62 8.65
CA TYR A 436 29.33 29.56 8.00
C TYR A 436 30.25 28.47 7.41
N TYR A 437 31.55 28.66 7.40
CA TYR A 437 32.49 27.62 6.98
C TYR A 437 33.10 26.89 8.16
N PHE A 438 32.87 27.38 9.38
CA PHE A 438 33.40 26.71 10.57
C PHE A 438 32.77 25.34 10.76
N ASP A 439 31.44 25.27 10.61
CA ASP A 439 30.78 23.97 10.62
C ASP A 439 31.10 23.17 9.36
N TYR A 440 31.37 23.86 8.25
CA TYR A 440 31.73 23.15 7.02
C TYR A 440 33.11 22.54 7.11
N LEU A 441 33.98 23.13 7.94
CA LEU A 441 35.24 22.46 8.25
C LEU A 441 35.01 21.26 9.16
N GLY A 442 34.02 21.34 10.04
CA GLY A 442 33.63 20.18 10.81
C GLY A 442 32.98 19.12 9.95
N ASN A 443 32.16 19.54 8.99
CA ASN A 443 31.51 18.59 8.08
C ASN A 443 32.50 17.92 7.15
N LEU A 444 33.61 18.61 6.84
CA LEU A 444 34.58 18.02 5.92
C LEU A 444 35.39 16.93 6.62
N ILE A 445 35.84 17.19 7.84
CA ILE A 445 36.70 16.24 8.52
C ILE A 445 35.90 15.04 9.01
N ALA A 446 34.62 15.24 9.33
CA ALA A 446 33.76 14.13 9.69
C ALA A 446 33.51 13.21 8.51
N LEU A 447 33.43 13.77 7.29
CA LEU A 447 33.37 12.92 6.11
C LEU A 447 34.70 12.23 5.88
N ALA A 448 35.80 12.91 6.16
CA ALA A 448 37.12 12.30 6.04
C ALA A 448 37.33 11.20 7.09
N ASN A 449 36.66 11.32 8.23
CA ASN A 449 36.66 10.24 9.22
C ASN A 449 35.92 9.03 8.68
N LEU A 450 34.83 9.25 7.96
CA LEU A 450 33.92 8.15 7.66
C LEU A 450 34.42 7.29 6.52
N VAL A 451 35.16 7.87 5.59
CA VAL A 451 35.74 7.06 4.53
C VAL A 451 36.89 6.23 5.05
N SER A 452 37.55 6.70 6.13
CA SER A 452 38.61 5.93 6.75
C SER A 452 38.07 4.67 7.41
N ILE A 453 36.94 4.79 8.12
CA ILE A 453 36.27 3.63 8.66
C ILE A 453 35.75 2.74 7.55
N CYS A 454 35.30 3.37 6.45
CA CYS A 454 34.81 2.63 5.30
C CYS A 454 35.90 1.81 4.64
N VAL A 455 37.07 2.41 4.40
CA VAL A 455 38.12 1.68 3.70
C VAL A 455 38.75 0.65 4.63
N PHE A 456 38.75 0.90 5.94
CA PHE A 456 39.46 -0.02 6.80
C PHE A 456 38.60 -1.20 7.19
N LEU A 457 37.26 -1.05 7.14
CA LEU A 457 36.39 -2.18 7.42
C LEU A 457 36.39 -3.17 6.28
N VAL A 458 36.51 -2.71 5.04
CA VAL A 458 36.50 -3.62 3.90
C VAL A 458 37.88 -4.25 3.68
N LEU A 459 38.96 -3.60 4.12
CA LEU A 459 40.28 -4.13 3.86
C LEU A 459 40.64 -5.30 4.77
N ASP A 460 40.26 -5.26 6.04
CA ASP A 460 40.61 -6.34 6.94
C ASP A 460 39.56 -7.46 6.93
N ALA A 461 38.47 -7.28 6.20
CA ALA A 461 37.35 -8.20 6.27
C ALA A 461 37.65 -9.50 5.53
N ASP A 462 38.21 -9.39 4.32
CA ASP A 462 38.37 -10.56 3.47
C ASP A 462 39.44 -11.50 4.02
N VAL A 463 40.60 -10.96 4.37
CA VAL A 463 41.75 -11.77 4.75
C VAL A 463 42.07 -11.52 6.22
N LEU A 464 42.70 -12.53 6.83
CA LEU A 464 43.35 -12.53 8.14
C LEU A 464 42.43 -12.02 9.24
N PRO A 465 41.44 -12.80 9.67
CA PRO A 465 40.54 -12.33 10.72
C PRO A 465 41.18 -12.34 12.09
N ALA A 466 42.32 -13.02 12.26
CA ALA A 466 42.91 -13.16 13.57
C ALA A 466 43.75 -11.95 13.96
N GLU A 467 44.84 -11.71 13.22
CA GLU A 467 45.90 -10.81 13.68
C GLU A 467 46.14 -9.70 12.67
N ARG A 468 45.40 -8.61 12.81
CA ARG A 468 45.50 -7.48 11.90
C ARG A 468 46.44 -6.42 12.47
N ASP A 469 46.86 -5.51 11.59
CA ASP A 469 47.88 -4.54 11.96
C ASP A 469 47.33 -3.42 12.86
N ASP A 470 46.37 -2.65 12.35
CA ASP A 470 45.66 -1.57 13.07
C ASP A 470 46.62 -0.52 13.62
N PHE A 471 47.70 -0.24 12.89
CA PHE A 471 48.71 0.68 13.39
C PHE A 471 48.27 2.12 13.20
N ILE A 472 47.88 2.48 11.98
CA ILE A 472 47.48 3.84 11.67
C ILE A 472 46.07 4.14 12.17
N LEU A 473 45.30 3.10 12.51
CA LEU A 473 43.92 3.27 12.97
C LEU A 473 43.85 4.04 14.28
N GLY A 474 44.83 3.83 15.16
CA GLY A 474 44.87 4.60 16.39
C GLY A 474 45.16 6.07 16.14
N ILE A 475 46.15 6.34 15.29
CA ILE A 475 46.60 7.71 15.04
C ILE A 475 45.54 8.50 14.28
N LEU A 476 44.78 7.82 13.43
CA LEU A 476 43.68 8.49 12.72
C LEU A 476 42.60 8.95 13.68
N ASN A 477 42.29 8.13 14.68
CA ASN A 477 41.26 8.53 15.63
C ASN A 477 41.75 9.54 16.63
N CYS A 478 43.07 9.68 16.81
CA CYS A 478 43.59 10.72 17.68
C CYS A 478 43.38 12.11 17.08
N VAL A 479 43.79 12.28 15.82
CA VAL A 479 43.79 13.60 15.20
C VAL A 479 42.36 14.09 14.96
N PHE A 480 41.41 13.17 14.84
CA PHE A 480 40.02 13.56 14.64
C PHE A 480 39.35 13.96 15.94
N ILE A 481 39.62 13.21 17.01
CA ILE A 481 38.95 13.48 18.28
C ILE A 481 39.50 14.76 18.90
N VAL A 482 40.81 14.97 18.84
CA VAL A 482 41.35 16.23 19.35
C VAL A 482 40.98 17.39 18.43
N TYR A 483 40.67 17.13 17.16
CA TYR A 483 40.04 18.15 16.34
C TYR A 483 38.63 18.44 16.83
N TYR A 484 37.92 17.40 17.24
CA TYR A 484 36.55 17.55 17.71
C TYR A 484 36.50 18.29 19.03
N LEU A 485 37.53 18.16 19.87
CA LEU A 485 37.53 18.87 21.14
C LEU A 485 37.85 20.34 20.95
N LEU A 486 38.78 20.67 20.05
CA LEU A 486 39.18 22.06 19.90
C LEU A 486 38.09 22.90 19.24
N GLU A 487 37.30 22.30 18.34
CA GLU A 487 36.25 23.08 17.70
C GLU A 487 35.12 23.40 18.67
N MET A 488 34.74 22.44 19.52
CA MET A 488 33.66 22.68 20.46
C MET A 488 34.11 23.55 21.61
N LEU A 489 35.41 23.57 21.91
CA LEU A 489 35.93 24.50 22.91
C LEU A 489 36.11 25.89 22.33
N LEU A 490 36.39 26.00 21.03
CA LEU A 490 36.38 27.31 20.41
C LEU A 490 34.96 27.82 20.20
N LYS A 491 34.00 26.90 20.05
CA LYS A 491 32.61 27.30 19.93
C LYS A 491 32.10 27.88 21.24
N VAL A 492 32.42 27.23 22.37
CA VAL A 492 31.95 27.73 23.65
C VAL A 492 32.74 28.96 24.09
N PHE A 493 33.96 29.13 23.57
CA PHE A 493 34.70 30.38 23.80
C PHE A 493 34.33 31.46 22.79
N ALA A 494 33.38 31.18 21.89
CA ALA A 494 32.79 32.20 21.04
C ALA A 494 31.30 32.36 21.23
N LEU A 495 30.61 31.36 21.76
CA LEU A 495 29.19 31.46 22.08
C LEU A 495 28.94 31.59 23.59
N GLY A 496 29.49 30.67 24.37
CA GLY A 496 29.24 30.65 25.79
C GLY A 496 28.70 29.31 26.21
N LEU A 497 28.72 29.02 27.52
CA LEU A 497 28.11 27.79 28.01
C LEU A 497 26.60 27.83 27.83
N ARG A 498 26.01 29.03 27.83
CA ARG A 498 24.62 29.18 27.46
C ARG A 498 24.48 29.26 25.96
N GLY A 499 25.44 29.91 25.28
CA GLY A 499 25.37 30.07 23.85
C GLY A 499 25.55 28.79 23.06
N TYR A 500 26.14 27.77 23.68
CA TYR A 500 26.32 26.49 23.01
C TYR A 500 25.13 25.56 23.18
N LEU A 501 24.40 25.67 24.30
CA LEU A 501 23.29 24.77 24.57
C LEU A 501 22.07 25.09 23.70
N SER A 502 21.99 26.29 23.13
CA SER A 502 20.79 26.70 22.40
C SER A 502 20.60 25.97 21.07
N TYR A 503 21.58 25.22 20.61
CA TYR A 503 21.46 24.50 19.35
C TYR A 503 21.31 23.01 19.63
N PRO A 504 20.28 22.36 19.08
CA PRO A 504 20.08 20.93 19.37
C PRO A 504 21.12 20.05 18.72
N SER A 505 21.68 20.46 17.58
CA SER A 505 22.76 19.69 16.97
C SER A 505 24.03 19.76 17.78
N ASN A 506 24.28 20.91 18.43
CA ASN A 506 25.48 21.05 19.24
C ASN A 506 25.41 20.22 20.51
N VAL A 507 24.20 20.03 21.05
CA VAL A 507 24.04 19.07 22.15
C VAL A 507 24.35 17.66 21.66
N PHE A 508 23.93 17.36 20.43
CA PHE A 508 24.22 16.05 19.85
C PHE A 508 25.70 15.89 19.57
N ASP A 509 26.33 16.94 19.04
CA ASP A 509 27.76 16.85 18.75
C ASP A 509 28.58 16.89 20.04
N GLY A 510 28.20 17.77 20.97
CA GLY A 510 28.99 17.95 22.17
C GLY A 510 28.96 16.73 23.08
N LEU A 511 27.84 16.01 23.11
CA LEU A 511 27.78 14.78 23.89
C LEU A 511 28.57 13.66 23.22
N LEU A 512 28.53 13.61 21.89
CA LEU A 512 29.24 12.54 21.19
C LEU A 512 30.75 12.72 21.25
N THR A 513 31.23 13.96 21.31
CA THR A 513 32.67 14.21 21.37
C THR A 513 33.26 13.80 22.70
N VAL A 514 32.58 14.17 23.80
CA VAL A 514 33.11 13.88 25.12
C VAL A 514 33.03 12.40 25.46
N VAL A 515 32.20 11.64 24.75
CA VAL A 515 32.17 10.19 24.97
C VAL A 515 33.34 9.54 24.25
N LEU A 516 33.64 9.97 23.02
CA LEU A 516 34.65 9.31 22.21
C LEU A 516 36.06 9.50 22.75
N LEU A 517 36.32 10.62 23.41
CA LEU A 517 37.64 10.80 23.99
C LEU A 517 37.85 9.89 25.20
N VAL A 518 36.77 9.60 25.94
CA VAL A 518 36.84 8.65 27.03
C VAL A 518 37.16 7.26 26.50
N LEU A 519 36.54 6.89 25.38
CA LEU A 519 36.84 5.61 24.74
C LEU A 519 38.24 5.58 24.18
N GLU A 520 38.69 6.70 23.60
CA GLU A 520 40.02 6.74 22.99
C GLU A 520 41.11 6.73 24.04
N ILE A 521 40.95 7.52 25.11
CA ILE A 521 41.97 7.60 26.13
C ILE A 521 42.04 6.30 26.93
N SER A 522 40.97 5.52 26.96
CA SER A 522 40.99 4.25 27.65
C SER A 522 41.77 3.22 26.86
N THR A 523 41.64 3.24 25.53
CA THR A 523 42.53 2.47 24.68
C THR A 523 43.96 3.01 24.78
N LEU A 524 44.09 4.32 24.93
CA LEU A 524 45.41 4.91 25.14
C LEU A 524 45.94 4.64 26.54
N ALA A 525 45.08 4.27 27.48
CA ALA A 525 45.55 3.95 28.82
C ALA A 525 46.17 2.57 28.89
N VAL A 526 45.64 1.61 28.11
CA VAL A 526 46.11 0.25 28.18
C VAL A 526 46.99 -0.12 26.99
N TYR A 527 46.94 0.64 25.90
CA TYR A 527 47.85 0.44 24.79
C TYR A 527 48.53 1.75 24.42
N ARG A 528 49.62 1.63 23.68
CA ARG A 528 50.45 2.76 23.31
C ARG A 528 50.68 2.87 21.82
N LEU A 529 50.85 1.72 21.14
CA LEU A 529 50.99 1.60 19.68
C LEU A 529 52.12 2.44 19.08
N SER A 543 41.65 -7.33 25.22
CA SER A 543 40.47 -6.49 25.06
C SER A 543 40.77 -5.37 24.07
N LEU A 544 41.76 -5.60 23.22
CA LEU A 544 42.09 -4.65 22.16
C LEU A 544 40.95 -4.55 21.15
N TRP A 545 40.47 -5.70 20.69
CA TRP A 545 39.54 -5.73 19.57
C TRP A 545 38.16 -5.24 19.96
N ASP A 546 37.71 -5.54 21.18
CA ASP A 546 36.39 -5.11 21.61
C ASP A 546 36.34 -3.60 21.83
N MET A 547 37.45 -3.00 22.27
CA MET A 547 37.47 -1.56 22.46
C MET A 547 37.53 -0.83 21.14
N THR A 548 38.30 -1.35 20.17
CA THR A 548 38.32 -0.73 18.86
C THR A 548 37.02 -0.93 18.12
N ARG A 549 36.33 -2.05 18.36
CA ARG A 549 35.01 -2.24 17.77
C ARG A 549 34.00 -1.29 18.38
N MET A 550 34.10 -1.05 19.68
CA MET A 550 33.24 -0.05 20.32
C MET A 550 33.62 1.35 19.87
N LEU A 551 34.90 1.59 19.61
CA LEU A 551 35.31 2.91 19.15
C LEU A 551 34.91 3.13 17.70
N ASN A 552 34.97 2.09 16.87
CA ASN A 552 34.56 2.24 15.49
C ASN A 552 33.06 2.44 15.37
N MET A 553 32.29 1.82 16.26
CA MET A 553 30.84 1.91 16.19
C MET A 553 30.34 3.32 16.47
N LEU A 554 30.92 3.98 17.46
CA LEU A 554 30.43 5.30 17.82
C LEU A 554 30.93 6.38 16.88
N ILE A 555 31.93 6.09 16.06
CA ILE A 555 32.34 7.04 15.03
C ILE A 555 31.31 7.06 13.90
N VAL A 556 30.62 5.93 13.67
CA VAL A 556 29.61 5.83 12.62
C VAL A 556 28.44 6.76 12.91
N PHE A 557 28.14 7.00 14.18
CA PHE A 557 27.02 7.85 14.57
C PHE A 557 27.26 9.33 14.24
N ARG A 558 28.48 9.70 13.88
CA ARG A 558 28.77 11.05 13.40
C ARG A 558 28.04 11.36 12.10
N PHE A 559 27.68 10.33 11.32
CA PHE A 559 27.02 10.55 10.04
C PHE A 559 25.61 11.10 10.20
N LEU A 560 25.01 10.97 11.37
CA LEU A 560 23.69 11.53 11.61
C LEU A 560 23.71 13.05 11.67
N ARG A 561 24.90 13.65 11.75
CA ARG A 561 25.05 15.09 11.75
C ARG A 561 25.28 15.66 10.36
N ILE A 562 25.63 14.83 9.39
CA ILE A 562 25.69 15.28 8.01
C ILE A 562 24.29 15.33 7.42
N ILE A 563 23.38 14.53 7.96
CA ILE A 563 22.01 14.44 7.45
C ILE A 563 21.19 15.74 7.50
N PRO A 564 21.12 16.48 8.63
CA PRO A 564 20.13 17.58 8.70
C PRO A 564 20.36 18.78 7.78
N SER A 565 21.33 18.74 6.86
CA SER A 565 21.50 19.82 5.89
C SER A 565 20.67 19.53 4.64
N MET A 566 19.35 19.40 4.83
CA MET A 566 18.44 18.94 3.77
C MET A 566 17.90 20.15 3.02
N LYS A 567 18.62 20.56 1.99
CA LYS A 567 18.22 21.69 1.15
C LYS A 567 17.20 21.37 0.05
N PRO A 568 17.34 20.37 -0.82
CA PRO A 568 16.37 20.24 -1.92
C PRO A 568 15.22 19.27 -1.71
N MET A 569 15.18 18.54 -0.60
CA MET A 569 14.21 17.48 -0.34
C MET A 569 13.50 17.72 0.97
N ALA A 570 13.05 18.97 1.17
CA ALA A 570 12.42 19.36 2.42
C ALA A 570 11.09 18.67 2.65
N VAL A 571 10.48 18.11 1.60
CA VAL A 571 9.20 17.43 1.76
C VAL A 571 9.35 16.12 2.50
N VAL A 572 10.56 15.54 2.54
CA VAL A 572 10.76 14.27 3.22
C VAL A 572 10.98 14.48 4.71
N ALA A 573 11.83 15.43 5.06
CA ALA A 573 12.13 15.64 6.46
C ALA A 573 10.98 16.32 7.19
N SER A 574 10.13 17.06 6.47
CA SER A 574 9.01 17.73 7.12
C SER A 574 7.94 16.75 7.55
N THR A 575 7.71 15.71 6.74
CA THR A 575 6.66 14.77 7.12
C THR A 575 7.14 13.77 8.15
N VAL A 576 8.44 13.46 8.17
CA VAL A 576 8.97 12.50 9.12
C VAL A 576 8.90 13.06 10.53
N LEU A 577 9.13 14.37 10.67
CA LEU A 577 8.79 15.05 11.92
C LEU A 577 7.30 15.02 12.16
N GLY A 578 6.49 15.21 11.11
CA GLY A 578 5.05 15.22 11.29
C GLY A 578 4.49 13.85 11.60
N LEU A 579 5.17 12.79 11.16
CA LEU A 579 4.73 11.44 11.48
C LEU A 579 4.92 11.13 12.95
N VAL A 580 6.14 11.34 13.46
CA VAL A 580 6.44 10.93 14.83
C VAL A 580 5.77 11.83 15.86
N GLN A 581 5.32 13.01 15.46
CA GLN A 581 4.51 13.82 16.35
C GLN A 581 3.05 13.37 16.35
N ASN A 582 2.70 12.36 15.54
CA ASN A 582 1.32 11.94 15.39
C ASN A 582 1.15 10.45 15.61
N MET A 583 2.12 9.77 16.20
CA MET A 583 2.02 8.35 16.46
C MET A 583 1.81 8.06 17.93
N ARG A 584 1.09 8.95 18.62
CA ARG A 584 0.62 8.60 19.94
C ARG A 584 -0.51 7.59 19.84
N ALA A 585 -1.41 7.79 18.89
CA ALA A 585 -2.53 6.87 18.73
C ALA A 585 -2.07 5.56 18.12
N PHE A 586 -1.30 5.65 17.06
CA PHE A 586 -1.06 4.51 16.21
C PHE A 586 -0.01 3.57 16.80
N GLY A 587 1.02 4.13 17.43
CA GLY A 587 1.91 3.30 18.20
C GLY A 587 1.22 2.69 19.40
N GLY A 588 0.19 3.35 19.91
CA GLY A 588 -0.55 2.79 21.01
C GLY A 588 -1.39 1.59 20.64
N ILE A 589 -1.88 1.56 19.40
CA ILE A 589 -2.75 0.45 19.00
C ILE A 589 -1.94 -0.81 18.80
N LEU A 590 -0.71 -0.67 18.28
CA LEU A 590 0.20 -1.80 18.13
C LEU A 590 0.55 -2.42 19.48
N VAL A 591 0.72 -1.60 20.50
CA VAL A 591 1.02 -2.09 21.83
C VAL A 591 -0.14 -2.90 22.39
N VAL A 592 -1.36 -2.44 22.11
CA VAL A 592 -2.56 -3.14 22.56
C VAL A 592 -2.68 -4.51 21.89
N VAL A 593 -2.32 -4.58 20.62
CA VAL A 593 -2.52 -5.81 19.86
C VAL A 593 -1.43 -6.83 20.17
N TYR A 594 -0.18 -6.37 20.34
CA TYR A 594 0.89 -7.29 20.75
C TYR A 594 0.65 -7.84 22.14
N TYR A 595 0.24 -7.00 23.07
CA TYR A 595 0.14 -7.41 24.46
C TYR A 595 -0.97 -8.42 24.67
N VAL A 596 -2.05 -8.30 23.91
CA VAL A 596 -3.12 -9.28 24.00
C VAL A 596 -2.69 -10.59 23.37
N PHE A 597 -2.15 -10.54 22.16
CA PHE A 597 -1.85 -11.77 21.44
C PHE A 597 -0.62 -12.48 21.96
N ALA A 598 0.21 -11.82 22.75
CA ALA A 598 1.31 -12.53 23.39
C ALA A 598 0.80 -13.43 24.50
N ILE A 599 -0.05 -12.88 25.38
CA ILE A 599 -0.47 -13.62 26.56
C ILE A 599 -1.44 -14.73 26.20
N ILE A 600 -2.22 -14.54 25.14
CA ILE A 600 -2.99 -15.65 24.61
C ILE A 600 -2.07 -16.71 24.05
N GLY A 601 -1.01 -16.28 23.36
CA GLY A 601 -0.09 -17.24 22.77
C GLY A 601 0.79 -17.93 23.78
N ILE A 602 1.00 -17.31 24.94
CA ILE A 602 1.78 -17.95 25.99
C ILE A 602 1.01 -19.13 26.55
N ASN A 603 -0.25 -18.90 26.91
CA ASN A 603 -1.06 -19.91 27.58
C ASN A 603 -1.43 -21.07 26.69
N LEU A 604 -1.22 -20.98 25.39
CA LEU A 604 -1.53 -22.08 24.50
C LEU A 604 -0.32 -22.88 24.09
N PHE A 605 0.85 -22.26 23.98
CA PHE A 605 2.04 -22.92 23.44
C PHE A 605 3.23 -22.71 24.36
N ARG A 606 3.04 -22.83 25.67
CA ARG A 606 4.12 -22.49 26.59
C ARG A 606 5.21 -23.54 26.61
N GLY A 607 4.83 -24.81 26.66
CA GLY A 607 5.81 -25.87 26.72
C GLY A 607 5.65 -26.88 25.61
N VAL A 608 5.36 -26.40 24.41
CA VAL A 608 5.04 -27.32 23.33
C VAL A 608 6.29 -27.76 22.57
N ILE A 609 7.33 -26.94 22.55
CA ILE A 609 8.52 -27.21 21.73
C ILE A 609 9.61 -27.75 22.64
N VAL A 610 10.07 -28.97 22.36
CA VAL A 610 11.17 -29.59 23.08
C VAL A 610 12.19 -30.06 22.05
N ALA A 611 13.45 -29.70 22.25
CA ALA A 611 14.53 -30.08 21.35
C ALA A 611 15.43 -31.09 22.05
N LEU A 612 15.51 -32.30 21.50
CA LEU A 612 16.36 -33.34 22.05
C LEU A 612 17.48 -33.71 21.09
N SER A 624 18.44 -34.91 9.73
CA SER A 624 17.50 -36.02 9.90
C SER A 624 16.08 -35.52 9.79
N ALA A 625 15.93 -34.32 9.24
CA ALA A 625 14.67 -33.65 8.98
C ALA A 625 14.51 -33.42 7.48
N PRO A 626 13.29 -33.15 6.99
CA PRO A 626 13.15 -32.70 5.61
C PRO A 626 13.82 -31.36 5.40
N CYS A 627 14.35 -31.14 4.19
CA CYS A 627 15.32 -30.07 3.96
C CYS A 627 14.72 -28.66 3.91
N GLY A 628 13.43 -28.49 4.18
CA GLY A 628 12.90 -27.15 4.24
C GLY A 628 12.06 -26.91 5.46
N SER A 629 12.28 -27.70 6.49
CA SER A 629 11.36 -27.77 7.62
C SER A 629 11.73 -26.77 8.71
N PHE A 630 10.95 -26.79 9.78
CA PHE A 630 11.21 -25.98 10.96
C PHE A 630 12.47 -26.42 11.68
N GLU A 631 12.89 -27.67 11.51
CA GLU A 631 14.02 -28.20 12.23
C GLU A 631 15.28 -28.29 11.38
N GLN A 632 15.14 -28.33 10.06
CA GLN A 632 16.32 -28.20 9.20
C GLN A 632 16.92 -26.81 9.34
N LEU A 633 16.10 -25.78 9.13
CA LEU A 633 16.45 -24.46 9.61
C LEU A 633 16.46 -24.47 11.13
N GLU A 634 17.25 -23.59 11.73
CA GLU A 634 17.33 -23.57 13.17
C GLU A 634 16.40 -22.49 13.72
N TYR A 635 15.10 -22.72 13.54
CA TYR A 635 14.09 -21.78 14.01
C TYR A 635 13.70 -22.03 15.45
N TRP A 636 14.56 -22.65 16.24
CA TRP A 636 14.19 -23.03 17.59
C TRP A 636 14.01 -21.83 18.52
N ALA A 637 14.55 -20.67 18.15
CA ALA A 637 14.40 -19.49 18.98
C ALA A 637 13.01 -18.87 18.88
N ASN A 638 12.16 -19.36 18.01
CA ASN A 638 10.84 -18.78 17.79
C ASN A 638 9.81 -19.67 18.47
N ASN A 639 9.53 -19.37 19.73
CA ASN A 639 8.53 -20.10 20.49
C ASN A 639 7.79 -19.09 21.35
N PHE A 640 6.89 -19.58 22.19
CA PHE A 640 6.05 -18.73 23.00
C PHE A 640 6.26 -19.01 24.49
N ASP A 641 7.50 -19.23 24.88
CA ASP A 641 7.78 -19.67 26.24
C ASP A 641 7.87 -18.53 27.23
N ASP A 642 7.98 -17.29 26.76
CA ASP A 642 8.05 -16.15 27.65
C ASP A 642 7.57 -14.92 26.90
N PHE A 643 7.76 -13.76 27.50
CA PHE A 643 7.24 -12.55 26.90
C PHE A 643 8.17 -11.99 25.83
N ALA A 644 9.48 -12.04 26.04
CA ALA A 644 10.39 -11.51 25.04
C ALA A 644 10.43 -12.41 23.82
N ALA A 645 10.31 -13.71 24.01
CA ALA A 645 10.33 -14.62 22.88
C ALA A 645 9.02 -14.64 22.13
N ALA A 646 7.92 -14.25 22.77
CA ALA A 646 6.66 -14.14 22.05
C ALA A 646 6.67 -12.96 21.09
N LEU A 647 7.29 -11.85 21.52
CA LEU A 647 7.23 -10.63 20.73
C LEU A 647 8.03 -10.75 19.44
N VAL A 648 9.17 -11.42 19.49
CA VAL A 648 9.92 -11.59 18.26
C VAL A 648 9.27 -12.63 17.37
N THR A 649 8.66 -13.65 17.95
CA THR A 649 7.96 -14.65 17.15
C THR A 649 6.71 -14.06 16.51
N LEU A 650 6.01 -13.18 17.22
CA LEU A 650 4.88 -12.51 16.61
C LEU A 650 5.34 -11.49 15.58
N TRP A 651 6.56 -10.99 15.72
CA TRP A 651 7.07 -10.06 14.73
C TRP A 651 7.36 -10.77 13.43
N ASN A 652 7.95 -11.97 13.50
CA ASN A 652 8.31 -12.69 12.29
C ASN A 652 7.11 -13.26 11.56
N LEU A 653 5.95 -13.29 12.19
CA LEU A 653 4.73 -13.60 11.47
C LEU A 653 4.07 -12.35 10.94
N MET A 654 4.40 -11.19 11.48
CA MET A 654 3.81 -9.95 10.99
C MET A 654 4.39 -9.58 9.65
N VAL A 655 5.70 -9.58 9.52
CA VAL A 655 6.31 -9.62 8.20
C VAL A 655 6.13 -11.03 7.67
N VAL A 656 5.31 -11.16 6.62
CA VAL A 656 4.61 -12.41 6.37
C VAL A 656 5.49 -13.47 5.74
N ASN A 657 6.77 -13.19 5.53
CA ASN A 657 7.65 -14.14 4.87
C ASN A 657 7.89 -15.39 5.71
N ASN A 658 7.82 -16.55 5.04
CA ASN A 658 8.07 -17.87 5.64
C ASN A 658 7.17 -18.15 6.82
N TRP A 659 5.89 -17.86 6.72
CA TRP A 659 4.98 -18.28 7.77
C TRP A 659 4.27 -19.56 7.41
N GLN A 660 4.57 -20.11 6.24
CA GLN A 660 4.20 -21.49 5.96
C GLN A 660 4.95 -22.45 6.86
N VAL A 661 6.15 -22.09 7.29
CA VAL A 661 6.98 -22.96 8.10
C VAL A 661 6.43 -23.05 9.52
N PHE A 662 5.99 -21.92 10.06
CA PHE A 662 5.44 -21.91 11.41
C PHE A 662 4.12 -22.63 11.48
N LEU A 663 3.34 -22.60 10.39
CA LEU A 663 2.06 -23.29 10.36
C LEU A 663 2.24 -24.79 10.40
N ASP A 664 3.31 -25.29 9.78
CA ASP A 664 3.52 -26.72 9.75
C ASP A 664 4.08 -27.23 11.06
N ALA A 665 4.88 -26.41 11.73
CA ALA A 665 5.48 -26.83 13.00
C ALA A 665 4.45 -26.86 14.11
N TYR A 666 3.66 -25.82 14.22
CA TYR A 666 2.69 -25.77 15.31
C TYR A 666 1.50 -26.68 15.05
N ARG A 667 1.30 -27.15 13.82
CA ARG A 667 0.37 -28.24 13.60
C ARG A 667 0.94 -29.54 14.14
N ARG A 668 2.20 -29.81 13.85
CA ARG A 668 2.83 -31.07 14.20
C ARG A 668 3.08 -31.21 15.70
N TYR A 669 3.03 -30.11 16.45
CA TYR A 669 3.33 -30.17 17.86
C TYR A 669 2.14 -29.87 18.76
N SER A 670 1.10 -29.21 18.25
CA SER A 670 0.01 -28.81 19.12
C SER A 670 -1.35 -28.99 18.47
N GLY A 671 -1.45 -29.89 17.51
CA GLY A 671 -2.72 -30.20 16.90
C GLY A 671 -3.13 -29.20 15.84
N PRO A 672 -4.06 -29.59 14.97
CA PRO A 672 -4.39 -28.76 13.81
C PRO A 672 -5.35 -27.63 14.10
N TRP A 673 -5.78 -27.44 15.34
CA TRP A 673 -6.64 -26.31 15.66
C TRP A 673 -5.86 -25.06 16.01
N SER A 674 -4.53 -25.12 15.92
CA SER A 674 -3.69 -23.96 16.12
C SER A 674 -3.71 -22.99 14.95
N LYS A 675 -4.21 -23.43 13.79
CA LYS A 675 -4.22 -22.57 12.62
C LYS A 675 -5.21 -21.44 12.74
N ILE A 676 -6.21 -21.55 13.62
CA ILE A 676 -7.13 -20.44 13.81
C ILE A 676 -6.44 -19.32 14.57
N TYR A 677 -5.40 -19.65 15.34
CA TYR A 677 -4.69 -18.60 16.06
C TYR A 677 -3.85 -17.77 15.11
N PHE A 678 -3.12 -18.42 14.22
CA PHE A 678 -2.21 -17.68 13.36
C PHE A 678 -2.94 -16.95 12.26
N VAL A 679 -4.06 -17.50 11.79
CA VAL A 679 -4.84 -16.82 10.77
C VAL A 679 -5.50 -15.58 11.34
N LEU A 680 -5.98 -15.68 12.57
CA LEU A 680 -6.51 -14.50 13.25
C LEU A 680 -5.42 -13.49 13.53
N TRP A 681 -4.21 -13.95 13.82
CA TRP A 681 -3.11 -13.01 13.98
C TRP A 681 -2.70 -12.42 12.65
N TRP A 682 -2.88 -13.15 11.56
CA TRP A 682 -2.56 -12.60 10.26
C TRP A 682 -3.53 -11.51 9.86
N LEU A 683 -4.79 -11.64 10.26
CA LEU A 683 -5.78 -10.66 9.85
C LEU A 683 -5.63 -9.36 10.60
N VAL A 684 -5.36 -9.42 11.90
CA VAL A 684 -5.26 -8.20 12.69
C VAL A 684 -3.98 -7.46 12.37
N SER A 685 -2.87 -8.18 12.30
CA SER A 685 -1.57 -7.52 12.21
C SER A 685 -1.27 -7.04 10.81
N SER A 686 -1.19 -7.95 9.85
CA SER A 686 -0.72 -7.55 8.54
C SER A 686 -1.80 -6.85 7.75
N VAL A 687 -3.03 -7.38 7.79
CA VAL A 687 -4.08 -6.82 6.96
C VAL A 687 -4.54 -5.49 7.53
N ILE A 688 -4.87 -5.43 8.80
CA ILE A 688 -5.51 -4.22 9.30
C ILE A 688 -4.47 -3.16 9.63
N TRP A 689 -3.46 -3.51 10.41
CA TRP A 689 -2.55 -2.51 10.96
C TRP A 689 -1.59 -1.95 9.92
N VAL A 690 -1.12 -2.78 8.99
CA VAL A 690 -0.18 -2.24 8.01
C VAL A 690 -0.92 -1.51 6.90
N ASN A 691 -2.21 -1.80 6.70
CA ASN A 691 -3.04 -0.87 5.94
C ASN A 691 -3.34 0.39 6.73
N LEU A 692 -3.49 0.26 8.05
CA LEU A 692 -3.68 1.42 8.91
C LEU A 692 -2.48 2.34 8.90
N PHE A 693 -1.29 1.78 8.76
CA PHE A 693 -0.09 2.61 8.66
C PHE A 693 -0.07 3.40 7.39
N LEU A 694 -0.45 2.78 6.28
CA LEU A 694 -0.37 3.46 5.01
C LEU A 694 -1.44 4.53 4.89
N ALA A 695 -2.55 4.38 5.58
CA ALA A 695 -3.54 5.44 5.62
C ALA A 695 -3.06 6.62 6.44
N LEU A 696 -2.23 6.38 7.45
CA LEU A 696 -1.77 7.50 8.26
C LEU A 696 -0.59 8.21 7.63
N ILE A 697 0.23 7.51 6.86
CA ILE A 697 1.26 8.18 6.09
C ILE A 697 0.63 9.07 5.02
N LEU A 698 -0.40 8.57 4.36
CA LEU A 698 -1.05 9.30 3.27
C LEU A 698 -1.74 10.56 3.77
N GLU A 699 -2.32 10.50 4.98
CA GLU A 699 -2.95 11.67 5.53
C GLU A 699 -1.93 12.71 5.95
N ASN A 700 -0.90 12.29 6.70
CA ASN A 700 0.09 13.24 7.20
C ASN A 700 1.02 13.73 6.11
N PHE A 701 1.08 13.06 4.96
CA PHE A 701 1.82 13.63 3.85
C PHE A 701 1.04 14.75 3.21
N LEU A 702 -0.19 14.47 2.77
CA LEU A 702 -1.02 15.44 2.08
C LEU A 702 -1.64 16.36 3.13
N HIS A 703 -0.86 17.35 3.54
CA HIS A 703 -1.33 18.26 4.57
C HIS A 703 -0.78 19.66 4.32
N LYS A 704 -1.67 20.65 4.53
CA LYS A 704 -1.48 22.09 4.31
C LYS A 704 -1.27 22.46 2.84
N TRP A 705 -1.53 21.55 1.92
CA TRP A 705 -1.55 21.84 0.49
C TRP A 705 -2.36 20.79 -0.26
N ALA B 43 -22.73 27.89 -53.74
CA ALA B 43 -22.65 26.67 -54.53
C ALA B 43 -21.53 25.78 -54.03
N ALA B 44 -20.31 26.06 -54.49
CA ALA B 44 -19.16 25.29 -54.05
C ALA B 44 -18.79 25.62 -52.61
N ARG B 45 -18.74 26.92 -52.28
CA ARG B 45 -18.50 27.33 -50.90
C ARG B 45 -19.68 27.04 -50.01
N TRP B 46 -20.88 26.86 -50.58
CA TRP B 46 -22.02 26.36 -49.82
C TRP B 46 -21.73 24.97 -49.28
N ASP B 47 -21.43 24.04 -50.17
CA ASP B 47 -21.17 22.67 -49.74
C ASP B 47 -19.85 22.56 -48.99
N LEU B 48 -18.88 23.43 -49.28
CA LEU B 48 -17.60 23.39 -48.58
C LEU B 48 -17.78 23.70 -47.10
N CYS B 49 -18.68 24.62 -46.78
CA CYS B 49 -18.98 24.90 -45.38
C CYS B 49 -19.70 23.74 -44.71
N ILE B 50 -20.40 22.92 -45.50
CA ILE B 50 -21.08 21.77 -44.93
C ILE B 50 -20.07 20.74 -44.46
N ASP B 51 -18.97 20.58 -45.21
CA ASP B 51 -17.93 19.63 -44.79
C ASP B 51 -17.23 20.11 -43.54
N GLN B 52 -17.03 21.42 -43.41
CA GLN B 52 -16.44 21.95 -42.19
C GLN B 52 -17.43 21.88 -41.04
N ALA B 53 -18.72 21.83 -41.35
CA ALA B 53 -19.72 21.66 -40.31
C ALA B 53 -19.71 20.24 -39.77
N VAL B 54 -19.69 19.24 -40.66
CA VAL B 54 -19.88 17.87 -40.20
C VAL B 54 -18.66 17.35 -39.46
N VAL B 55 -17.46 17.75 -39.86
CA VAL B 55 -16.28 17.25 -39.19
C VAL B 55 -16.05 17.97 -37.88
N PHE B 56 -16.65 19.13 -37.69
CA PHE B 56 -16.47 19.82 -36.42
C PHE B 56 -17.47 19.31 -35.40
N ILE B 57 -18.64 18.86 -35.86
CA ILE B 57 -19.57 18.23 -34.96
C ILE B 57 -19.04 16.86 -34.53
N GLU B 58 -18.48 16.11 -35.49
CA GLU B 58 -17.98 14.78 -35.19
C GLU B 58 -16.77 14.82 -34.27
N ASP B 59 -15.94 15.85 -34.39
CA ASP B 59 -14.86 16.00 -33.43
C ASP B 59 -15.37 16.49 -32.09
N ALA B 60 -16.50 17.19 -32.09
CA ALA B 60 -17.07 17.65 -30.83
C ALA B 60 -17.72 16.52 -30.06
N ILE B 61 -18.16 15.47 -30.76
CA ILE B 61 -18.71 14.32 -30.07
C ILE B 61 -17.60 13.46 -29.50
N GLN B 62 -16.62 13.12 -30.32
CA GLN B 62 -15.62 12.14 -29.95
C GLN B 62 -14.42 12.75 -29.24
N TYR B 63 -14.54 13.98 -28.76
CA TYR B 63 -13.56 14.63 -27.88
C TYR B 63 -12.19 14.78 -28.54
N ARG B 64 -12.18 15.13 -29.81
CA ARG B 64 -10.95 15.38 -30.53
C ARG B 64 -10.64 16.87 -30.52
N SER B 65 -9.49 17.22 -31.08
CA SER B 65 -9.07 18.60 -31.21
C SER B 65 -9.29 19.10 -32.62
N ILE B 66 -9.22 20.42 -32.78
CA ILE B 66 -9.33 21.06 -34.09
C ILE B 66 -8.00 21.75 -34.35
N ASN B 67 -7.08 21.03 -34.98
CA ASN B 67 -5.82 21.63 -35.36
C ASN B 67 -5.34 21.07 -36.70
N HIS B 68 -6.26 20.61 -37.52
CA HIS B 68 -5.94 20.06 -38.82
C HIS B 68 -6.35 21.06 -39.89
N ARG B 69 -5.58 21.06 -40.98
CA ARG B 69 -5.84 22.01 -42.05
C ARG B 69 -7.10 21.61 -42.82
N VAL B 70 -7.88 22.62 -43.20
CA VAL B 70 -9.19 22.40 -43.81
C VAL B 70 -9.06 22.54 -45.31
N ASP B 71 -9.29 21.45 -46.02
CA ASP B 71 -9.19 21.43 -47.47
C ASP B 71 -10.38 20.68 -48.05
N ALA B 72 -10.34 20.40 -49.36
CA ALA B 72 -11.50 19.79 -50.01
C ALA B 72 -11.53 18.29 -49.78
N SER B 73 -10.54 17.57 -50.30
CA SER B 73 -10.52 16.13 -50.18
C SER B 73 -9.85 15.64 -48.91
N SER B 74 -9.25 16.53 -48.12
CA SER B 74 -8.74 16.15 -46.82
C SER B 74 -9.86 15.80 -45.87
N MET B 75 -11.03 16.41 -46.05
CA MET B 75 -12.19 16.03 -45.27
C MET B 75 -12.76 14.70 -45.72
N TRP B 76 -12.50 14.30 -46.96
CA TRP B 76 -12.79 12.92 -47.33
C TRP B 76 -11.84 11.97 -46.61
N LEU B 77 -10.59 12.39 -46.42
CA LEU B 77 -9.63 11.54 -45.73
C LEU B 77 -9.82 11.54 -44.23
N TYR B 78 -10.19 12.70 -43.66
CA TYR B 78 -10.37 12.81 -42.21
C TYR B 78 -11.52 11.95 -41.74
N ARG B 79 -12.61 11.92 -42.51
CA ARG B 79 -13.74 11.10 -42.10
C ARG B 79 -13.45 9.62 -42.28
N ARG B 80 -12.61 9.27 -43.24
CA ARG B 80 -12.35 7.86 -43.47
C ARG B 80 -11.26 7.31 -42.57
N TYR B 81 -10.24 8.12 -42.25
CA TYR B 81 -9.15 7.66 -41.40
C TYR B 81 -9.62 7.39 -39.96
N TYR B 82 -10.62 8.14 -39.51
CA TYR B 82 -11.16 7.97 -38.16
C TYR B 82 -12.38 7.05 -38.14
N SER B 83 -12.49 6.14 -39.08
CA SER B 83 -13.64 5.23 -39.10
C SER B 83 -13.46 4.13 -38.07
N ASN B 84 -14.48 3.28 -37.95
CA ASN B 84 -14.37 2.11 -37.10
C ASN B 84 -13.43 1.09 -37.70
N VAL B 85 -13.42 0.98 -39.03
CA VAL B 85 -12.61 -0.07 -39.64
C VAL B 85 -11.13 0.30 -39.62
N CYS B 86 -10.80 1.58 -39.66
CA CYS B 86 -9.39 1.94 -39.79
C CYS B 86 -8.67 1.87 -38.45
N GLN B 87 -9.34 2.29 -37.38
CA GLN B 87 -8.71 2.23 -36.07
C GLN B 87 -8.61 0.81 -35.55
N ARG B 88 -9.50 -0.07 -35.99
CA ARG B 88 -9.43 -1.45 -35.53
C ARG B 88 -8.39 -2.26 -36.29
N THR B 89 -8.05 -1.87 -37.52
CA THR B 89 -6.93 -2.50 -38.18
C THR B 89 -5.62 -2.10 -37.53
N LEU B 90 -5.53 -0.85 -37.09
CA LEU B 90 -4.31 -0.38 -36.44
C LEU B 90 -4.12 -1.02 -35.07
N SER B 91 -5.21 -1.33 -34.38
CA SER B 91 -5.06 -2.02 -33.10
C SER B 91 -4.68 -3.48 -33.30
N PHE B 92 -5.15 -4.09 -34.40
CA PHE B 92 -4.85 -5.50 -34.62
C PHE B 92 -3.39 -5.70 -35.03
N THR B 93 -2.83 -4.77 -35.79
CA THR B 93 -1.44 -4.94 -36.19
C THR B 93 -0.49 -4.66 -35.02
N ILE B 94 -0.90 -3.82 -34.06
CA ILE B 94 -0.08 -3.59 -32.88
C ILE B 94 -0.01 -4.86 -32.04
N PHE B 95 -1.13 -5.58 -31.95
CA PHE B 95 -1.11 -6.86 -31.26
C PHE B 95 -0.27 -7.89 -32.01
N LEU B 96 -0.16 -7.76 -33.33
CA LEU B 96 0.50 -8.79 -34.13
C LEU B 96 2.01 -8.80 -33.89
N ILE B 97 2.66 -7.63 -33.95
CA ILE B 97 4.09 -7.59 -33.71
C ILE B 97 4.41 -7.84 -32.25
N LEU B 98 3.49 -7.54 -31.35
CA LEU B 98 3.70 -7.89 -29.96
C LEU B 98 3.25 -9.30 -29.65
N PHE B 99 2.68 -10.00 -30.63
CA PHE B 99 2.48 -11.44 -30.54
C PHE B 99 3.65 -12.20 -31.12
N LEU B 100 4.41 -11.55 -32.01
CA LEU B 100 5.36 -12.22 -32.88
C LEU B 100 6.52 -12.84 -32.13
N ALA B 101 6.81 -12.38 -30.92
CA ALA B 101 7.94 -12.89 -30.17
C ALA B 101 7.72 -14.29 -29.64
N PHE B 102 6.50 -14.79 -29.66
CA PHE B 102 6.28 -16.18 -29.29
C PHE B 102 6.81 -17.14 -30.35
N ILE B 103 6.85 -16.70 -31.60
CA ILE B 103 7.21 -17.60 -32.70
C ILE B 103 8.52 -17.19 -33.36
N GLU B 104 9.39 -16.51 -32.62
CA GLU B 104 10.70 -16.18 -33.14
C GLU B 104 11.66 -17.34 -32.86
N THR B 105 12.95 -17.11 -33.05
CA THR B 105 13.95 -18.16 -32.95
C THR B 105 14.15 -18.83 -31.57
N PRO B 106 13.86 -18.19 -30.43
CA PRO B 106 13.77 -18.99 -29.19
C PRO B 106 12.60 -19.96 -29.15
N SER B 107 11.56 -19.75 -29.96
CA SER B 107 10.54 -20.75 -30.33
C SER B 107 9.80 -21.31 -29.11
N SER B 108 8.98 -20.47 -28.50
CA SER B 108 8.27 -20.94 -27.31
C SER B 108 7.04 -21.79 -27.61
N LEU B 109 7.15 -22.76 -28.52
CA LEU B 109 6.07 -23.70 -28.76
C LEU B 109 6.33 -25.08 -28.20
N THR B 110 6.46 -25.22 -26.89
CA THR B 110 6.60 -26.54 -26.29
C THR B 110 5.42 -26.80 -25.37
N SER B 111 5.53 -27.87 -24.60
CA SER B 111 4.52 -28.20 -23.61
C SER B 111 4.99 -27.93 -22.19
N THR B 112 6.26 -28.17 -21.91
CA THR B 112 6.86 -27.85 -20.62
C THR B 112 8.03 -26.91 -20.85
N ALA B 113 8.25 -26.00 -19.92
CA ALA B 113 9.42 -25.13 -19.95
C ALA B 113 10.56 -25.67 -19.14
N ASP B 114 10.43 -26.88 -18.60
CA ASP B 114 11.47 -27.46 -17.78
C ASP B 114 12.69 -27.80 -18.63
N VAL B 115 13.87 -27.54 -18.08
CA VAL B 115 15.08 -27.66 -18.87
C VAL B 115 15.65 -29.08 -18.81
N ARG B 116 15.34 -29.84 -17.76
CA ARG B 116 15.90 -31.17 -17.60
C ARG B 116 15.33 -32.16 -18.60
N TYR B 117 14.13 -31.91 -19.12
CA TYR B 117 13.63 -32.66 -20.27
C TYR B 117 12.70 -31.77 -21.07
N ARG B 118 12.96 -31.66 -22.37
CA ARG B 118 12.13 -30.84 -23.23
C ARG B 118 12.40 -31.23 -24.68
N ALA B 119 11.34 -31.51 -25.42
CA ALA B 119 11.45 -31.66 -26.86
C ALA B 119 11.61 -30.27 -27.45
N ALA B 120 12.85 -29.86 -27.66
CA ALA B 120 13.17 -28.46 -27.91
C ALA B 120 12.69 -27.88 -29.24
N PRO B 121 13.15 -28.36 -30.40
CA PRO B 121 13.16 -27.47 -31.57
C PRO B 121 11.85 -27.39 -32.33
N TRP B 122 11.52 -26.18 -32.75
CA TRP B 122 10.60 -25.95 -33.87
C TRP B 122 11.05 -24.62 -34.48
N GLU B 123 11.78 -24.68 -35.58
CA GLU B 123 12.35 -23.47 -36.12
C GLU B 123 11.62 -23.08 -37.39
N PRO B 124 10.95 -21.93 -37.40
CA PRO B 124 10.44 -21.42 -38.67
C PRO B 124 11.57 -20.90 -39.52
N PRO B 125 11.43 -20.94 -40.84
CA PRO B 125 12.52 -20.49 -41.73
C PRO B 125 12.64 -18.97 -41.74
N CYS B 126 13.56 -18.49 -42.58
CA CYS B 126 13.83 -17.06 -42.67
C CYS B 126 12.80 -16.29 -43.46
N GLY B 127 11.79 -16.95 -44.02
CA GLY B 127 10.85 -16.25 -44.86
C GLY B 127 9.75 -15.53 -44.11
N LEU B 128 8.97 -16.28 -43.35
CA LEU B 128 7.65 -15.80 -42.98
C LEU B 128 7.69 -14.78 -41.85
N THR B 129 8.60 -14.95 -40.88
CA THR B 129 8.59 -14.07 -39.71
C THR B 129 9.11 -12.69 -40.07
N GLU B 130 10.05 -12.61 -41.00
CA GLU B 130 10.51 -11.34 -41.50
C GLU B 130 9.61 -10.79 -42.58
N SER B 131 8.70 -11.62 -43.11
CA SER B 131 7.68 -11.09 -44.01
C SER B 131 6.57 -10.39 -43.23
N VAL B 132 6.10 -11.00 -42.13
CA VAL B 132 5.05 -10.35 -41.35
C VAL B 132 5.61 -9.23 -40.51
N GLU B 133 6.93 -9.21 -40.28
CA GLU B 133 7.53 -8.08 -39.61
C GLU B 133 7.49 -6.84 -40.48
N VAL B 134 7.78 -7.00 -41.78
CA VAL B 134 7.82 -5.83 -42.65
C VAL B 134 6.42 -5.44 -43.13
N LEU B 135 5.44 -6.34 -43.06
CA LEU B 135 4.09 -5.96 -43.47
C LEU B 135 3.44 -5.05 -42.45
N CYS B 136 3.75 -5.24 -41.17
CA CYS B 136 3.25 -4.30 -40.18
C CYS B 136 4.00 -2.98 -40.24
N LEU B 137 5.25 -2.99 -40.70
CA LEU B 137 5.99 -1.75 -40.81
C LEU B 137 5.45 -0.86 -41.92
N LEU B 138 4.77 -1.45 -42.90
CA LEU B 138 4.16 -0.67 -43.96
C LEU B 138 2.97 0.14 -43.44
N VAL B 139 2.12 -0.50 -42.64
CA VAL B 139 0.90 0.19 -42.23
C VAL B 139 1.22 1.25 -41.18
N PHE B 140 2.28 1.05 -40.41
CA PHE B 140 2.73 2.11 -39.51
C PHE B 140 3.33 3.27 -40.30
N ALA B 141 4.02 2.96 -41.39
CA ALA B 141 4.51 4.01 -42.28
C ALA B 141 3.35 4.70 -42.99
N ALA B 142 2.31 3.94 -43.32
CA ALA B 142 1.09 4.53 -43.85
C ALA B 142 0.37 5.34 -42.79
N ASP B 143 0.48 4.94 -41.52
CA ASP B 143 -0.16 5.69 -40.45
C ASP B 143 0.54 7.01 -40.21
N LEU B 144 1.86 7.02 -40.25
CA LEU B 144 2.62 8.24 -40.03
C LEU B 144 2.38 9.25 -41.13
N SER B 145 2.28 8.77 -42.37
CA SER B 145 2.16 9.66 -43.52
C SER B 145 0.84 10.40 -43.51
N VAL B 146 -0.27 9.70 -43.30
CA VAL B 146 -1.56 10.36 -43.29
C VAL B 146 -1.80 11.13 -42.00
N LYS B 147 -1.03 10.89 -40.94
CA LYS B 147 -1.14 11.71 -39.75
C LYS B 147 -0.36 13.00 -39.91
N GLY B 148 0.73 12.98 -40.64
CA GLY B 148 1.51 14.19 -40.87
C GLY B 148 0.96 15.03 -41.99
N TYR B 149 0.42 14.36 -43.02
CA TYR B 149 -0.17 15.07 -44.14
C TYR B 149 -1.42 15.82 -43.72
N LEU B 150 -2.22 15.18 -42.88
CA LEU B 150 -3.44 15.82 -42.42
C LEU B 150 -3.19 16.87 -41.36
N PHE B 151 -2.09 16.73 -40.60
CA PHE B 151 -1.74 17.76 -39.65
C PHE B 151 -0.84 18.79 -40.31
N GLY B 152 -0.46 19.80 -39.54
CA GLY B 152 0.42 20.82 -40.06
C GLY B 152 1.84 20.31 -40.21
N TRP B 153 2.52 20.84 -41.23
CA TRP B 153 3.91 20.47 -41.46
C TRP B 153 4.81 21.00 -40.35
N ALA B 154 4.62 22.27 -39.98
CA ALA B 154 5.36 22.81 -38.85
C ALA B 154 4.88 22.21 -37.54
N HIS B 155 3.61 21.79 -37.49
CA HIS B 155 3.09 21.04 -36.35
C HIS B 155 3.78 19.70 -36.21
N PHE B 156 4.22 19.13 -37.32
CA PHE B 156 4.91 17.85 -37.29
C PHE B 156 6.28 17.97 -36.62
N GLN B 157 7.03 19.03 -36.95
CA GLN B 157 8.37 19.17 -36.39
C GLN B 157 8.34 19.57 -34.92
N LYS B 158 7.24 20.12 -34.44
CA LYS B 158 7.19 20.51 -33.04
C LYS B 158 6.77 19.35 -32.15
N ASN B 159 5.84 18.52 -32.62
CA ASN B 159 5.28 17.45 -31.81
C ASN B 159 6.29 16.31 -31.67
N LEU B 160 6.75 16.07 -30.44
CA LEU B 160 7.85 15.15 -30.18
C LEU B 160 7.51 13.70 -30.49
N TRP B 161 6.23 13.34 -30.36
CA TRP B 161 5.87 11.94 -30.54
C TRP B 161 5.87 11.54 -32.00
N LEU B 162 5.57 12.49 -32.90
CA LEU B 162 5.64 12.17 -34.32
C LEU B 162 7.08 12.04 -34.77
N LEU B 163 7.99 12.81 -34.20
CA LEU B 163 9.41 12.68 -34.52
C LEU B 163 9.95 11.35 -34.03
N GLY B 164 9.61 10.98 -32.79
CA GLY B 164 10.03 9.70 -32.26
C GLY B 164 9.39 8.54 -32.99
N TYR B 165 8.21 8.76 -33.56
CA TYR B 165 7.61 7.76 -34.43
C TYR B 165 8.42 7.57 -35.70
N LEU B 166 9.09 8.62 -36.16
CA LEU B 166 9.84 8.56 -37.41
C LEU B 166 11.18 7.88 -37.22
N VAL B 167 11.90 8.22 -36.15
CA VAL B 167 13.22 7.64 -35.90
C VAL B 167 13.12 6.16 -35.59
N VAL B 168 12.03 5.73 -34.95
CA VAL B 168 11.86 4.32 -34.65
C VAL B 168 11.61 3.53 -35.93
N LEU B 169 10.90 4.14 -36.90
CA LEU B 169 10.61 3.45 -38.14
C LEU B 169 11.85 3.19 -38.99
N VAL B 170 12.76 4.17 -39.07
CA VAL B 170 13.92 3.94 -39.90
C VAL B 170 14.92 3.01 -39.24
N VAL B 171 15.01 3.04 -37.91
CA VAL B 171 15.88 2.10 -37.20
C VAL B 171 15.34 0.69 -37.32
N SER B 172 14.02 0.54 -37.27
CA SER B 172 13.42 -0.77 -37.45
C SER B 172 13.56 -1.26 -38.88
N LEU B 173 13.63 -0.35 -39.85
CA LEU B 173 13.74 -0.78 -41.23
C LEU B 173 15.17 -1.08 -41.62
N VAL B 174 16.12 -0.31 -41.10
CA VAL B 174 17.54 -0.60 -41.32
C VAL B 174 17.90 -1.94 -40.70
N ASP B 175 17.43 -2.19 -39.48
CA ASP B 175 17.73 -3.45 -38.80
C ASP B 175 17.02 -4.62 -39.48
N TRP B 176 15.93 -4.35 -40.18
CA TRP B 176 15.27 -5.43 -40.90
C TRP B 176 16.08 -5.85 -42.11
N THR B 177 16.56 -4.88 -42.90
CA THR B 177 17.29 -5.23 -44.11
C THR B 177 18.70 -5.74 -43.80
N VAL B 178 19.25 -5.40 -42.64
CA VAL B 178 20.56 -5.95 -42.27
C VAL B 178 20.41 -7.41 -41.87
N SER B 179 19.42 -7.72 -41.04
CA SER B 179 19.14 -9.09 -40.67
C SER B 179 18.62 -9.93 -41.82
N LEU B 180 18.15 -9.30 -42.89
CA LEU B 180 17.73 -10.04 -44.06
C LEU B 180 18.89 -10.34 -44.98
N SER B 181 19.92 -9.48 -44.99
CA SER B 181 21.09 -9.71 -45.82
C SER B 181 21.85 -10.95 -45.36
N LEU B 182 22.20 -11.00 -44.07
CA LEU B 182 22.63 -12.25 -43.47
C LEU B 182 21.45 -13.22 -43.44
N VAL B 183 21.76 -14.52 -43.38
CA VAL B 183 20.69 -15.52 -43.29
C VAL B 183 20.41 -15.72 -41.81
N CYS B 184 19.68 -14.75 -41.23
CA CYS B 184 19.04 -14.78 -39.92
C CYS B 184 19.97 -15.05 -38.74
N HIS B 185 21.28 -15.05 -38.96
CA HIS B 185 22.23 -15.53 -37.96
C HIS B 185 22.74 -14.41 -37.07
N GLU B 186 22.14 -13.25 -37.15
CA GLU B 186 22.36 -12.25 -36.13
C GLU B 186 21.74 -12.74 -34.82
N PRO B 187 22.49 -12.77 -33.73
CA PRO B 187 21.93 -13.29 -32.47
C PRO B 187 20.89 -12.38 -31.87
N LEU B 188 21.20 -11.09 -31.75
CA LEU B 188 20.37 -10.14 -31.05
C LEU B 188 19.70 -9.21 -32.05
N ARG B 189 18.41 -8.95 -31.83
CA ARG B 189 17.60 -8.16 -32.76
C ARG B 189 17.16 -6.89 -32.05
N ILE B 190 17.83 -5.79 -32.36
CA ILE B 190 17.60 -4.53 -31.66
C ILE B 190 16.27 -3.92 -32.05
N ARG B 191 15.74 -4.28 -33.22
CA ARG B 191 14.45 -3.76 -33.63
C ARG B 191 13.30 -4.33 -32.80
N ARG B 192 13.52 -5.46 -32.12
CA ARG B 192 12.47 -6.00 -31.26
C ARG B 192 12.23 -5.14 -30.04
N LEU B 193 13.22 -4.38 -29.59
CA LEU B 193 13.02 -3.53 -28.42
C LEU B 193 12.21 -2.29 -28.74
N LEU B 194 12.20 -1.86 -29.99
CA LEU B 194 11.51 -0.62 -30.32
C LEU B 194 10.03 -0.85 -30.61
N ARG B 195 9.59 -2.09 -30.58
CA ARG B 195 8.18 -2.39 -30.82
C ARG B 195 7.19 -1.80 -29.82
N PRO B 196 7.44 -1.73 -28.49
CA PRO B 196 6.44 -1.10 -27.62
C PRO B 196 6.27 0.40 -27.81
N PHE B 197 7.10 1.07 -28.59
CA PHE B 197 6.82 2.46 -28.89
C PHE B 197 5.63 2.59 -29.82
N PHE B 198 5.30 1.56 -30.58
CA PHE B 198 4.11 1.63 -31.41
C PHE B 198 2.85 1.52 -30.59
N LEU B 199 2.91 0.86 -29.44
CA LEU B 199 1.78 0.86 -28.53
C LEU B 199 1.63 2.21 -27.84
N LEU B 200 2.76 2.82 -27.45
CA LEU B 200 2.73 4.08 -26.73
C LEU B 200 2.33 5.24 -27.60
N GLN B 201 2.43 5.11 -28.91
CA GLN B 201 2.18 6.24 -29.79
C GLN B 201 0.69 6.50 -29.95
N ASN B 202 -0.08 5.45 -30.25
CA ASN B 202 -1.48 5.63 -30.57
C ASN B 202 -2.38 5.65 -29.36
N SER B 203 -1.84 5.57 -28.15
CA SER B 203 -2.65 5.61 -26.95
C SER B 203 -2.74 7.02 -26.40
N SER B 204 -3.92 7.38 -25.92
CA SER B 204 -4.15 8.70 -25.36
C SER B 204 -4.27 8.68 -23.84
N MET B 205 -4.29 7.50 -23.23
CA MET B 205 -4.32 7.39 -21.78
C MET B 205 -2.97 7.08 -21.17
N MET B 206 -2.10 6.37 -21.89
CA MET B 206 -0.76 6.16 -21.38
C MET B 206 0.06 7.43 -21.43
N LYS B 207 -0.22 8.33 -22.37
CA LYS B 207 0.49 9.60 -22.41
C LYS B 207 0.14 10.48 -21.24
N LYS B 208 -1.07 10.36 -20.69
CA LYS B 208 -1.37 11.04 -19.45
C LYS B 208 -0.62 10.44 -18.29
N THR B 209 -0.61 9.10 -18.20
CA THR B 209 -0.01 8.42 -17.07
C THR B 209 1.49 8.54 -17.07
N LEU B 210 2.12 8.63 -18.23
CA LEU B 210 3.56 8.82 -18.25
C LEU B 210 3.96 10.23 -17.83
N LYS B 211 3.07 11.19 -18.01
CA LYS B 211 3.36 12.54 -17.55
C LYS B 211 3.23 12.64 -16.04
N CYS B 212 2.33 11.86 -15.45
CA CYS B 212 2.16 11.91 -14.00
C CYS B 212 3.36 11.29 -13.29
N ILE B 213 3.94 10.25 -13.86
CA ILE B 213 5.12 9.67 -13.23
C ILE B 213 6.38 10.44 -13.57
N ARG B 214 6.33 11.32 -14.58
CA ARG B 214 7.47 12.18 -14.83
C ARG B 214 7.52 13.33 -13.85
N TRP B 215 6.37 13.80 -13.38
CA TRP B 215 6.36 14.85 -12.38
C TRP B 215 6.72 14.33 -11.01
N SER B 216 6.54 13.03 -10.76
CA SER B 216 6.88 12.44 -9.47
C SER B 216 8.33 12.06 -9.37
N LEU B 217 9.08 12.19 -10.45
CA LEU B 217 10.45 11.65 -10.48
C LEU B 217 11.47 12.36 -9.58
N PRO B 218 11.54 13.70 -9.46
CA PRO B 218 12.57 14.26 -8.58
C PRO B 218 12.33 14.02 -7.09
N GLU B 219 11.13 13.63 -6.69
CA GLU B 219 10.91 13.22 -5.31
C GLU B 219 11.25 11.76 -5.07
N MET B 220 11.04 10.91 -6.07
CA MET B 220 11.38 9.51 -5.91
C MET B 220 12.88 9.28 -5.92
N ALA B 221 13.63 10.18 -6.54
CA ALA B 221 15.07 10.06 -6.50
C ALA B 221 15.62 10.45 -5.14
N SER B 222 14.92 11.31 -4.41
CA SER B 222 15.38 11.72 -3.08
C SER B 222 15.21 10.59 -2.07
N VAL B 223 14.06 9.91 -2.10
CA VAL B 223 13.85 8.79 -1.20
C VAL B 223 14.72 7.62 -1.61
N GLY B 224 14.98 7.47 -2.91
CA GLY B 224 15.97 6.51 -3.37
C GLY B 224 17.36 6.86 -2.91
N LEU B 225 17.67 8.16 -2.83
CA LEU B 225 18.95 8.59 -2.27
C LEU B 225 19.01 8.31 -0.78
N LEU B 226 17.93 8.65 -0.07
CA LEU B 226 17.89 8.46 1.38
C LEU B 226 17.91 6.99 1.76
N LEU B 227 17.44 6.12 0.87
CA LEU B 227 17.45 4.70 1.17
C LEU B 227 18.84 4.12 0.95
N ALA B 228 19.57 4.61 -0.04
CA ALA B 228 20.93 4.12 -0.25
C ALA B 228 21.87 4.57 0.85
N ILE B 229 21.64 5.75 1.42
CA ILE B 229 22.34 6.16 2.63
C ILE B 229 22.01 5.22 3.78
N HIS B 230 20.75 4.81 3.85
CA HIS B 230 20.28 3.96 4.95
C HIS B 230 20.86 2.57 4.88
N LEU B 231 21.14 2.08 3.67
CA LEU B 231 21.77 0.77 3.52
C LEU B 231 23.21 0.79 3.99
N CYS B 232 24.04 1.60 3.34
CA CYS B 232 25.50 1.56 3.53
C CYS B 232 25.93 1.99 4.92
N LEU B 233 25.05 2.64 5.69
CA LEU B 233 25.31 2.81 7.11
C LEU B 233 25.24 1.47 7.82
N PHE B 234 24.19 0.68 7.57
CA PHE B 234 24.02 -0.55 8.32
C PHE B 234 24.88 -1.70 7.81
N THR B 235 25.42 -1.60 6.59
CA THR B 235 26.44 -2.56 6.19
C THR B 235 27.69 -2.40 7.03
N MET B 236 28.14 -1.15 7.22
CA MET B 236 29.30 -0.89 8.07
C MET B 236 28.98 -1.20 9.52
N PHE B 237 27.78 -0.84 9.97
CA PHE B 237 27.41 -1.11 11.35
C PHE B 237 27.16 -2.59 11.57
N GLY B 238 26.73 -3.32 10.54
CA GLY B 238 26.53 -4.74 10.70
C GLY B 238 27.83 -5.51 10.70
N MET B 239 28.79 -5.09 9.87
CA MET B 239 30.05 -5.80 9.71
C MET B 239 30.94 -5.67 10.94
N LEU B 240 30.69 -4.69 11.79
CA LEU B 240 31.42 -4.60 13.04
C LEU B 240 30.88 -5.59 14.06
N LEU B 241 29.57 -5.76 14.09
CA LEU B 241 28.94 -6.54 15.15
C LEU B 241 29.13 -8.03 14.92
N PHE B 242 29.06 -8.47 13.67
CA PHE B 242 28.92 -9.89 13.40
C PHE B 242 30.16 -10.54 12.82
N ALA B 243 30.99 -9.78 12.12
CA ALA B 243 32.29 -10.32 11.72
C ALA B 243 33.31 -10.25 12.85
N GLY B 244 33.00 -9.53 13.93
CA GLY B 244 33.89 -9.47 15.07
C GLY B 244 33.77 -10.68 15.97
N LEU B 256 28.85 -15.15 11.13
CA LEU B 256 27.69 -15.28 10.27
C LEU B 256 28.11 -15.47 8.82
N THR B 257 27.43 -16.38 8.13
CA THR B 257 27.65 -16.54 6.70
C THR B 257 27.08 -15.39 5.89
N TYR B 258 26.20 -14.59 6.49
CA TYR B 258 25.64 -13.44 5.80
C TYR B 258 26.56 -12.24 5.84
N PHE B 259 27.37 -12.12 6.88
CA PHE B 259 28.24 -10.96 7.08
C PHE B 259 29.68 -11.45 7.07
N GLN B 260 30.24 -11.57 5.88
CA GLN B 260 31.63 -11.99 5.71
C GLN B 260 32.36 -11.17 4.67
N ASN B 261 31.70 -10.22 4.01
CA ASN B 261 32.31 -9.46 2.94
C ASN B 261 31.52 -8.18 2.74
N LEU B 262 32.09 -7.27 1.95
CA LEU B 262 31.33 -6.07 1.60
C LEU B 262 30.18 -6.36 0.63
N PRO B 263 30.38 -7.01 -0.53
CA PRO B 263 29.21 -7.24 -1.39
C PRO B 263 28.28 -8.33 -0.89
N GLU B 264 28.73 -9.20 0.01
CA GLU B 264 27.82 -10.20 0.55
C GLU B 264 26.89 -9.59 1.58
N SER B 265 27.43 -8.76 2.46
CA SER B 265 26.58 -8.12 3.46
C SER B 265 25.69 -7.07 2.85
N LEU B 266 26.13 -6.45 1.75
CA LEU B 266 25.29 -5.49 1.05
C LEU B 266 24.11 -6.19 0.39
N THR B 267 24.34 -7.40 -0.13
CA THR B 267 23.23 -8.15 -0.73
C THR B 267 22.26 -8.63 0.33
N SER B 268 22.77 -9.03 1.49
CA SER B 268 21.91 -9.60 2.53
C SER B 268 20.99 -8.56 3.12
N LEU B 269 21.44 -7.31 3.19
CA LEU B 269 20.58 -6.26 3.70
C LEU B 269 19.55 -5.84 2.66
N LEU B 270 19.92 -5.89 1.39
CA LEU B 270 19.00 -5.49 0.34
C LEU B 270 17.84 -6.46 0.22
N VAL B 271 18.11 -7.74 0.39
CA VAL B 271 17.05 -8.73 0.37
C VAL B 271 16.22 -8.63 1.65
N LEU B 272 16.82 -8.22 2.75
CA LEU B 272 16.02 -7.98 3.96
C LEU B 272 15.15 -6.76 3.81
N LEU B 273 15.55 -5.82 2.95
CA LEU B 273 14.79 -4.58 2.80
C LEU B 273 13.42 -4.85 2.21
N THR B 274 13.31 -5.83 1.33
CA THR B 274 12.02 -6.27 0.84
C THR B 274 11.45 -7.43 1.63
N THR B 275 12.07 -7.77 2.77
CA THR B 275 11.65 -8.82 3.71
C THR B 275 11.47 -10.17 3.03
N ALA B 276 12.42 -10.55 2.20
CA ALA B 276 12.36 -11.87 1.59
C ALA B 276 13.05 -12.94 2.43
N ASN B 277 13.95 -12.56 3.34
CA ASN B 277 14.49 -13.48 4.33
C ASN B 277 14.39 -12.84 5.70
N ASN B 278 13.21 -12.93 6.32
CA ASN B 278 13.17 -12.31 7.64
C ASN B 278 13.74 -13.16 8.76
N PRO B 279 13.30 -14.42 9.01
CA PRO B 279 13.88 -15.10 10.17
C PRO B 279 15.25 -15.64 9.87
N ASP B 280 15.51 -15.95 8.61
CA ASP B 280 16.69 -16.70 8.25
C ASP B 280 17.95 -15.88 8.27
N VAL B 281 17.84 -14.56 8.29
CA VAL B 281 19.02 -13.72 8.28
C VAL B 281 19.46 -13.35 9.69
N MET B 282 18.62 -13.57 10.69
CA MET B 282 18.92 -13.11 12.03
C MET B 282 19.10 -14.23 13.04
N ILE B 283 18.74 -15.45 12.70
CA ILE B 283 18.79 -16.55 13.67
C ILE B 283 20.18 -16.95 14.17
N PRO B 284 21.33 -16.74 13.46
CA PRO B 284 22.59 -16.95 14.17
C PRO B 284 22.81 -15.92 15.25
N ALA B 285 22.61 -14.64 14.91
CA ALA B 285 22.84 -13.58 15.88
C ALA B 285 21.82 -13.60 17.01
N TYR B 286 20.58 -13.95 16.71
CA TYR B 286 19.56 -14.03 17.75
C TYR B 286 19.77 -15.23 18.65
N SER B 287 20.42 -16.28 18.18
CA SER B 287 20.73 -17.40 19.05
C SER B 287 21.99 -17.18 19.87
N LYS B 288 22.74 -16.13 19.59
CA LYS B 288 23.87 -15.77 20.45
C LYS B 288 23.44 -14.84 21.57
N ASN B 289 22.49 -13.96 21.29
CA ASN B 289 22.02 -13.02 22.30
C ASN B 289 20.63 -12.55 21.91
N ARG B 290 19.81 -12.27 22.91
CA ARG B 290 18.48 -11.73 22.65
C ARG B 290 18.53 -10.29 22.17
N ALA B 291 19.58 -9.55 22.49
CA ALA B 291 19.58 -8.13 22.19
C ALA B 291 19.85 -7.83 20.73
N TYR B 292 20.28 -8.80 19.95
CA TYR B 292 20.55 -8.56 18.53
C TYR B 292 19.29 -8.43 17.70
N ALA B 293 18.13 -8.71 18.28
CA ALA B 293 16.88 -8.51 17.58
C ALA B 293 16.57 -7.04 17.33
N ILE B 294 17.14 -6.15 18.13
CA ILE B 294 16.85 -4.73 17.96
C ILE B 294 17.51 -4.19 16.70
N PHE B 295 18.63 -4.79 16.28
CA PHE B 295 19.29 -4.32 15.08
C PHE B 295 18.47 -4.61 13.84
N PHE B 296 17.83 -5.76 13.78
CA PHE B 296 17.04 -6.10 12.61
C PHE B 296 15.63 -5.55 12.68
N ILE B 297 15.10 -5.32 13.87
CA ILE B 297 13.76 -4.75 13.98
C ILE B 297 13.77 -3.30 13.51
N VAL B 298 14.80 -2.55 13.90
CA VAL B 298 14.90 -1.16 13.50
C VAL B 298 15.14 -1.03 12.00
N PHE B 299 15.88 -1.96 11.42
CA PHE B 299 16.20 -1.87 9.99
C PHE B 299 14.96 -2.08 9.11
N THR B 300 14.06 -2.96 9.51
CA THR B 300 12.86 -3.16 8.71
C THR B 300 11.73 -2.20 9.09
N VAL B 301 11.81 -1.55 10.25
CA VAL B 301 10.83 -0.51 10.55
C VAL B 301 11.15 0.75 9.77
N ILE B 302 12.41 1.17 9.78
CA ILE B 302 12.82 2.34 9.02
C ILE B 302 12.79 2.05 7.53
N GLY B 303 13.31 0.89 7.15
CA GLY B 303 13.40 0.52 5.74
C GLY B 303 12.08 0.23 5.07
N SER B 304 11.43 -0.86 5.48
CA SER B 304 10.27 -1.32 4.73
C SER B 304 9.03 -0.52 5.08
N LEU B 305 8.87 -0.10 6.32
CA LEU B 305 7.62 0.54 6.67
C LEU B 305 7.60 2.01 6.31
N PHE B 306 8.60 2.78 6.72
CA PHE B 306 8.61 4.20 6.38
C PHE B 306 8.88 4.42 4.90
N LEU B 307 10.03 3.95 4.43
CA LEU B 307 10.52 4.43 3.14
C LEU B 307 9.83 3.79 1.96
N MET B 308 9.35 2.55 2.09
CA MET B 308 8.61 1.99 0.96
C MET B 308 7.23 2.60 0.87
N ASN B 309 6.56 2.78 2.01
CA ASN B 309 5.25 3.39 1.98
C ASN B 309 5.31 4.89 1.73
N LEU B 310 6.49 5.49 1.91
CA LEU B 310 6.64 6.87 1.48
C LEU B 310 6.66 6.98 -0.03
N LEU B 311 7.09 5.94 -0.73
CA LEU B 311 7.08 5.97 -2.18
C LEU B 311 5.67 5.89 -2.74
N THR B 312 4.76 5.26 -2.02
CA THR B 312 3.38 5.20 -2.47
C THR B 312 2.71 6.55 -2.34
N ALA B 313 2.97 7.26 -1.24
CA ALA B 313 2.35 8.55 -1.02
C ALA B 313 2.87 9.61 -1.97
N ILE B 314 4.11 9.45 -2.42
CA ILE B 314 4.69 10.39 -3.35
C ILE B 314 4.06 10.24 -4.73
N ILE B 315 3.83 8.99 -5.16
CA ILE B 315 3.23 8.74 -6.45
C ILE B 315 1.77 9.17 -6.46
N TYR B 316 1.04 8.87 -5.38
CA TYR B 316 -0.37 9.24 -5.30
C TYR B 316 -0.58 10.74 -5.25
N SER B 317 0.42 11.50 -4.83
CA SER B 317 0.34 12.95 -4.83
C SER B 317 0.26 13.56 -6.23
N GLN B 318 0.52 12.79 -7.29
CA GLN B 318 0.34 13.27 -8.65
C GLN B 318 -0.94 12.74 -9.29
N PHE B 319 -1.43 11.60 -8.85
CA PHE B 319 -2.65 11.02 -9.36
C PHE B 319 -3.87 11.47 -8.58
N ARG B 320 -3.72 12.51 -7.76
CA ARG B 320 -4.79 12.88 -6.85
C ARG B 320 -5.99 13.48 -7.58
N GLY B 321 -5.75 14.16 -8.69
CA GLY B 321 -6.84 14.76 -9.43
C GLY B 321 -6.94 14.17 -10.81
N TYR B 322 -6.82 12.85 -10.92
CA TYR B 322 -6.66 12.23 -12.22
C TYR B 322 -7.94 12.24 -13.03
N LEU B 323 -9.00 11.63 -12.49
CA LEU B 323 -10.22 11.46 -13.26
C LEU B 323 -10.98 12.77 -13.43
N MET B 324 -10.88 13.67 -12.45
CA MET B 324 -11.62 14.93 -12.56
C MET B 324 -10.97 15.85 -13.59
N LYS B 325 -9.65 15.88 -13.65
CA LYS B 325 -8.99 16.66 -14.68
C LYS B 325 -9.02 15.97 -16.02
N SER B 326 -9.40 14.70 -16.07
CA SER B 326 -9.69 14.07 -17.35
C SER B 326 -11.04 14.52 -17.89
N LEU B 327 -12.04 14.64 -17.02
CA LEU B 327 -13.37 15.04 -17.47
C LEU B 327 -13.40 16.51 -17.86
N GLN B 328 -12.54 17.32 -17.26
CA GLN B 328 -12.57 18.75 -17.55
C GLN B 328 -12.04 19.04 -18.94
N THR B 329 -10.93 18.41 -19.32
CA THR B 329 -10.41 18.62 -20.66
C THR B 329 -11.22 17.91 -21.72
N SER B 330 -12.08 16.98 -21.34
CA SER B 330 -13.04 16.44 -22.30
C SER B 330 -14.11 17.46 -22.62
N LEU B 331 -14.67 18.10 -21.58
CA LEU B 331 -15.72 19.08 -21.79
C LEU B 331 -15.18 20.35 -22.42
N PHE B 332 -13.92 20.67 -22.13
CA PHE B 332 -13.31 21.86 -22.70
C PHE B 332 -13.10 21.70 -24.20
N ARG B 333 -12.80 20.48 -24.64
CA ARG B 333 -12.62 20.26 -26.08
C ARG B 333 -13.94 20.24 -26.80
N ARG B 334 -15.03 19.88 -26.13
CA ARG B 334 -16.35 19.97 -26.74
C ARG B 334 -16.86 21.40 -26.76
N ARG B 335 -16.40 22.25 -25.83
CA ARG B 335 -16.83 23.64 -25.84
C ARG B 335 -16.29 24.39 -27.04
N LEU B 336 -14.98 24.28 -27.30
CA LEU B 336 -14.44 24.93 -28.48
C LEU B 336 -14.78 24.17 -29.76
N GLY B 337 -15.26 22.94 -29.64
CA GLY B 337 -15.67 22.19 -30.80
C GLY B 337 -16.92 22.76 -31.45
N THR B 338 -17.99 22.88 -30.67
CA THR B 338 -19.23 23.40 -31.22
C THR B 338 -19.15 24.90 -31.48
N ARG B 339 -18.30 25.61 -30.74
CA ARG B 339 -18.17 27.05 -30.93
C ARG B 339 -17.55 27.37 -32.27
N ALA B 340 -16.52 26.62 -32.66
CA ALA B 340 -15.97 26.76 -34.00
C ALA B 340 -16.94 26.25 -35.05
N ALA B 341 -17.78 25.28 -34.69
CA ALA B 341 -18.83 24.84 -35.60
C ALA B 341 -19.88 25.92 -35.78
N PHE B 342 -20.24 26.60 -34.69
CA PHE B 342 -21.16 27.73 -34.77
C PHE B 342 -20.55 28.87 -35.56
N GLU B 343 -19.28 29.17 -35.32
CA GLU B 343 -18.63 30.33 -35.91
C GLU B 343 -18.48 30.21 -37.41
N VAL B 344 -18.33 28.99 -37.92
CA VAL B 344 -18.27 28.85 -39.36
C VAL B 344 -19.69 28.77 -39.94
N LEU B 345 -20.67 28.33 -39.16
CA LEU B 345 -22.02 28.23 -39.68
C LEU B 345 -22.76 29.55 -39.56
N SER B 346 -22.41 30.37 -38.56
CA SER B 346 -23.03 31.68 -38.44
C SER B 346 -22.58 32.62 -39.56
N SER B 347 -21.42 32.37 -40.14
CA SER B 347 -20.90 33.16 -41.24
C SER B 347 -20.98 32.40 -42.55
N MET B 348 -22.04 31.60 -42.73
CA MET B 348 -22.24 30.92 -44.01
C MET B 348 -22.59 31.93 -45.10
N VAL B 349 -23.72 32.61 -44.95
CA VAL B 349 -24.07 33.70 -45.86
C VAL B 349 -24.32 35.01 -45.14
N GLY B 350 -24.59 35.00 -43.84
CA GLY B 350 -24.83 36.24 -43.11
C GLY B 350 -23.63 36.71 -42.33
N ALA B 358 -28.85 39.95 -39.05
CA ALA B 358 -28.38 39.70 -37.69
C ALA B 358 -27.45 38.49 -37.65
N VAL B 359 -27.09 38.07 -36.44
CA VAL B 359 -26.13 36.99 -36.24
C VAL B 359 -26.90 35.77 -35.74
N GLY B 360 -27.05 34.78 -36.60
CA GLY B 360 -27.72 33.56 -36.23
C GLY B 360 -27.47 32.51 -37.28
N VAL B 361 -27.88 31.29 -36.97
CA VAL B 361 -27.66 30.14 -37.85
C VAL B 361 -29.01 29.60 -38.29
N LYS B 362 -29.21 29.51 -39.60
CA LYS B 362 -30.49 29.09 -40.15
C LYS B 362 -30.72 27.61 -39.89
N PRO B 363 -31.91 27.21 -39.44
CA PRO B 363 -32.16 25.78 -39.17
C PRO B 363 -32.22 24.91 -40.41
N GLN B 364 -32.39 25.49 -41.61
CA GLN B 364 -32.31 24.67 -42.81
C GLN B 364 -30.88 24.24 -43.08
N ASN B 365 -29.92 25.05 -42.68
CA ASN B 365 -28.54 24.60 -42.65
C ASN B 365 -28.36 23.51 -41.60
N LEU B 366 -29.12 23.56 -40.51
CA LEU B 366 -29.00 22.53 -39.50
C LEU B 366 -29.60 21.22 -39.97
N LEU B 367 -30.59 21.28 -40.87
CA LEU B 367 -31.33 20.07 -41.25
C LEU B 367 -30.46 19.11 -42.03
N GLN B 368 -29.52 19.62 -42.81
CA GLN B 368 -28.65 18.76 -43.60
C GLN B 368 -27.43 18.28 -42.82
N VAL B 369 -26.90 19.09 -41.90
CA VAL B 369 -25.68 18.68 -41.20
C VAL B 369 -25.98 17.59 -40.18
N LEU B 370 -27.09 17.70 -39.44
CA LEU B 370 -27.37 16.75 -38.38
C LEU B 370 -27.84 15.41 -38.92
N GLN B 371 -28.13 15.33 -40.21
CA GLN B 371 -28.40 14.05 -40.85
C GLN B 371 -27.11 13.31 -41.16
N LYS B 372 -26.11 14.03 -41.70
CA LYS B 372 -24.90 13.38 -42.20
C LYS B 372 -23.92 13.01 -41.10
N VAL B 373 -24.14 13.43 -39.87
CA VAL B 373 -23.25 13.03 -38.79
C VAL B 373 -23.55 11.59 -38.39
N GLN B 374 -22.58 10.97 -37.73
CA GLN B 374 -22.73 9.62 -37.23
C GLN B 374 -22.93 9.68 -35.72
N LEU B 375 -24.03 9.12 -35.25
CA LEU B 375 -24.43 9.31 -33.86
C LEU B 375 -25.41 8.20 -33.53
N ASP B 376 -25.74 8.07 -32.25
CA ASP B 376 -26.90 7.28 -31.88
C ASP B 376 -28.16 7.93 -32.43
N SER B 377 -29.07 7.10 -32.94
CA SER B 377 -30.32 7.62 -33.47
C SER B 377 -31.24 8.13 -32.38
N SER B 378 -30.98 7.76 -31.12
CA SER B 378 -31.75 8.30 -30.01
C SER B 378 -31.49 9.79 -29.83
N HIS B 379 -30.21 10.19 -29.77
CA HIS B 379 -29.90 11.61 -29.71
C HIS B 379 -30.09 12.30 -31.04
N LYS B 380 -30.06 11.55 -32.14
CA LYS B 380 -30.20 12.15 -33.46
C LYS B 380 -31.62 12.66 -33.68
N GLN B 381 -32.62 11.86 -33.34
CA GLN B 381 -34.00 12.28 -33.48
C GLN B 381 -34.35 13.39 -32.49
N ALA B 382 -33.66 13.43 -31.34
CA ALA B 382 -33.96 14.46 -30.35
C ALA B 382 -33.41 15.81 -30.79
N MET B 383 -32.23 15.80 -31.43
CA MET B 383 -31.75 16.99 -32.11
C MET B 383 -32.71 17.42 -33.21
N MET B 384 -33.21 16.45 -33.97
CA MET B 384 -34.01 16.77 -35.15
C MET B 384 -35.39 17.29 -34.77
N GLU B 385 -35.98 16.76 -33.69
CA GLU B 385 -37.28 17.26 -33.25
C GLU B 385 -37.14 18.65 -32.65
N LYS B 386 -36.03 18.92 -31.97
CA LYS B 386 -35.86 20.20 -31.29
C LYS B 386 -35.58 21.32 -32.28
N VAL B 387 -34.94 21.02 -33.40
CA VAL B 387 -34.75 22.05 -34.41
C VAL B 387 -36.02 22.17 -35.26
N ARG B 388 -36.81 21.09 -35.37
CA ARG B 388 -38.09 21.18 -36.03
C ARG B 388 -39.10 21.95 -35.19
N SER B 389 -39.00 21.80 -33.87
CA SER B 389 -39.82 22.62 -32.96
C SER B 389 -39.45 24.08 -33.07
N TYR B 390 -38.19 24.38 -33.36
CA TYR B 390 -37.80 25.74 -33.66
C TYR B 390 -38.36 26.14 -35.02
N GLY B 391 -38.65 27.43 -35.16
CA GLY B 391 -39.16 27.98 -36.41
C GLY B 391 -38.05 28.30 -37.36
N SER B 392 -38.30 29.27 -38.24
CA SER B 392 -37.28 29.77 -39.16
C SER B 392 -36.46 30.89 -38.54
N VAL B 393 -36.52 31.06 -37.22
CA VAL B 393 -35.77 32.09 -36.53
C VAL B 393 -34.29 31.72 -36.55
N LEU B 394 -33.44 32.73 -36.65
CA LEU B 394 -32.00 32.51 -36.66
C LEU B 394 -31.54 32.15 -35.26
N LEU B 395 -30.90 30.98 -35.12
CA LEU B 395 -30.58 30.43 -33.82
C LEU B 395 -29.47 31.22 -33.14
N SER B 396 -29.68 31.53 -31.87
CA SER B 396 -28.74 32.36 -31.12
C SER B 396 -27.53 31.54 -30.67
N ALA B 397 -26.54 32.25 -30.15
CA ALA B 397 -25.27 31.63 -29.79
C ALA B 397 -25.40 30.79 -28.53
N GLU B 398 -25.98 31.35 -27.47
CA GLU B 398 -26.15 30.62 -26.23
C GLU B 398 -27.12 29.46 -26.41
N GLU B 399 -28.17 29.66 -27.21
CA GLU B 399 -29.09 28.57 -27.50
C GLU B 399 -28.46 27.52 -28.41
N PHE B 400 -27.39 27.87 -29.13
CA PHE B 400 -26.69 26.87 -29.94
C PHE B 400 -25.87 25.94 -29.06
N GLN B 401 -25.19 26.49 -28.05
CA GLN B 401 -24.31 25.66 -27.22
C GLN B 401 -25.12 24.79 -26.28
N LYS B 402 -26.20 25.32 -25.70
CA LYS B 402 -27.03 24.52 -24.81
C LYS B 402 -27.89 23.52 -25.56
N LEU B 403 -27.99 23.65 -26.89
CA LEU B 403 -28.69 22.66 -27.69
C LEU B 403 -27.98 21.32 -27.65
N PHE B 404 -26.65 21.34 -27.59
CA PHE B 404 -25.86 20.12 -27.64
C PHE B 404 -25.68 19.47 -26.28
N ASN B 405 -26.45 19.90 -25.28
CA ASN B 405 -26.50 19.22 -24.00
C ASN B 405 -27.46 18.04 -24.00
N GLU B 406 -27.92 17.62 -25.17
CA GLU B 406 -28.64 16.37 -25.29
C GLU B 406 -27.71 15.18 -25.20
N LEU B 407 -26.42 15.39 -25.41
CA LEU B 407 -25.45 14.31 -25.41
C LEU B 407 -25.03 13.87 -24.02
N ASP B 408 -25.62 14.47 -22.98
CA ASP B 408 -25.37 14.06 -21.61
C ASP B 408 -26.41 13.07 -21.08
N ARG B 409 -27.60 13.07 -21.68
CA ARG B 409 -28.62 12.08 -21.37
C ARG B 409 -28.20 10.71 -21.88
N SER B 410 -28.60 9.67 -21.15
CA SER B 410 -28.45 8.29 -21.61
C SER B 410 -29.75 7.57 -21.35
N VAL B 411 -30.18 6.77 -22.32
CA VAL B 411 -31.44 6.04 -22.25
C VAL B 411 -31.14 4.55 -22.28
N VAL B 412 -31.69 3.82 -21.31
CA VAL B 412 -31.54 2.38 -21.22
C VAL B 412 -32.91 1.74 -21.40
N LYS B 413 -33.03 0.84 -22.38
CA LYS B 413 -34.17 -0.04 -22.54
C LYS B 413 -33.65 -1.45 -22.67
N GLU B 414 -34.56 -2.43 -22.69
CA GLU B 414 -34.14 -3.81 -22.98
C GLU B 414 -34.79 -4.35 -24.24
N HIS B 415 -36.13 -4.58 -24.24
CA HIS B 415 -36.98 -5.13 -25.30
C HIS B 415 -38.44 -5.17 -24.87
N PRO B 416 -39.39 -5.17 -25.82
CA PRO B 416 -40.78 -5.48 -25.47
C PRO B 416 -41.09 -6.95 -25.67
N PRO B 417 -41.81 -7.57 -24.75
CA PRO B 417 -42.22 -8.97 -24.94
C PRO B 417 -43.35 -9.11 -25.96
N ARG B 418 -43.58 -10.35 -26.38
CA ARG B 418 -44.55 -10.66 -27.42
C ARG B 418 -45.64 -11.59 -26.91
N PRO B 419 -46.87 -11.46 -27.44
CA PRO B 419 -47.96 -12.36 -27.03
C PRO B 419 -48.07 -13.63 -27.84
N GLU B 420 -49.13 -14.40 -27.59
CA GLU B 420 -49.42 -15.66 -28.26
C GLU B 420 -50.78 -15.54 -28.98
N TYR B 421 -51.26 -16.65 -29.55
CA TYR B 421 -52.63 -16.71 -30.05
C TYR B 421 -53.63 -16.90 -28.91
N GLN B 422 -53.54 -18.04 -28.21
CA GLN B 422 -54.56 -18.46 -27.27
C GLN B 422 -54.45 -17.65 -25.98
N SER B 423 -55.52 -16.96 -25.63
CA SER B 423 -55.52 -15.98 -24.53
C SER B 423 -55.33 -16.59 -23.13
N PRO B 424 -55.97 -17.71 -22.73
CA PRO B 424 -55.62 -18.25 -21.40
C PRO B 424 -54.23 -18.85 -21.34
N PHE B 425 -53.68 -19.28 -22.47
CA PHE B 425 -52.34 -19.85 -22.47
C PHE B 425 -51.28 -18.77 -22.32
N LEU B 426 -51.47 -17.62 -22.97
CA LEU B 426 -50.48 -16.54 -22.87
C LEU B 426 -50.57 -15.85 -21.52
N GLN B 427 -51.79 -15.67 -21.00
CA GLN B 427 -51.94 -14.92 -19.76
C GLN B 427 -51.48 -15.73 -18.56
N SER B 428 -51.49 -17.05 -18.65
CA SER B 428 -50.96 -17.82 -17.53
C SER B 428 -49.44 -17.84 -17.56
N ALA B 429 -48.85 -17.96 -18.76
CA ALA B 429 -47.41 -18.08 -18.88
C ALA B 429 -46.70 -16.78 -18.50
N GLN B 430 -47.19 -15.65 -19.02
CA GLN B 430 -46.51 -14.38 -18.78
C GLN B 430 -46.73 -13.89 -17.35
N PHE B 431 -47.84 -14.25 -16.71
CA PHE B 431 -48.09 -13.77 -15.36
C PHE B 431 -47.46 -14.65 -14.29
N LEU B 432 -47.05 -15.88 -14.62
CA LEU B 432 -46.12 -16.59 -13.77
C LEU B 432 -44.68 -16.34 -14.20
N PHE B 433 -44.48 -15.60 -15.29
CA PHE B 433 -43.14 -15.18 -15.67
C PHE B 433 -42.76 -13.88 -14.97
N GLY B 434 -43.68 -12.93 -14.91
CA GLY B 434 -43.48 -11.73 -14.11
C GLY B 434 -43.73 -12.05 -12.65
N HIS B 435 -42.79 -12.75 -12.05
CA HIS B 435 -42.95 -13.38 -10.75
C HIS B 435 -41.88 -12.98 -9.76
N TYR B 436 -40.63 -12.79 -10.22
CA TYR B 436 -39.38 -12.55 -9.50
C TYR B 436 -38.91 -13.77 -8.70
N TYR B 437 -39.72 -14.83 -8.62
CA TYR B 437 -39.31 -16.08 -8.00
C TYR B 437 -38.86 -17.10 -9.02
N PHE B 438 -39.08 -16.84 -10.31
CA PHE B 438 -38.68 -17.77 -11.36
C PHE B 438 -37.17 -17.90 -11.42
N ASP B 439 -36.47 -16.76 -11.36
CA ASP B 439 -35.02 -16.80 -11.25
C ASP B 439 -34.58 -17.28 -9.88
N TYR B 440 -35.39 -17.05 -8.85
CA TYR B 440 -35.03 -17.53 -7.52
C TYR B 440 -35.17 -19.04 -7.43
N LEU B 441 -36.04 -19.64 -8.24
CA LEU B 441 -36.05 -21.09 -8.36
C LEU B 441 -34.83 -21.58 -9.13
N GLY B 442 -34.35 -20.79 -10.08
CA GLY B 442 -33.09 -21.10 -10.74
C GLY B 442 -31.91 -20.93 -9.80
N ASN B 443 -31.95 -19.89 -8.96
CA ASN B 443 -30.89 -19.64 -8.00
C ASN B 443 -30.86 -20.72 -6.91
N LEU B 444 -32.01 -21.31 -6.59
CA LEU B 444 -32.05 -22.32 -5.55
C LEU B 444 -31.43 -23.63 -6.02
N ILE B 445 -31.79 -24.05 -7.23
CA ILE B 445 -31.33 -25.35 -7.72
C ILE B 445 -29.86 -25.29 -8.11
N ALA B 446 -29.38 -24.11 -8.54
CA ALA B 446 -27.96 -23.94 -8.83
C ALA B 446 -27.14 -24.00 -7.55
N LEU B 447 -27.67 -23.51 -6.44
CA LEU B 447 -27.00 -23.71 -5.16
C LEU B 447 -27.06 -25.17 -4.73
N ALA B 448 -28.17 -25.84 -5.02
CA ALA B 448 -28.28 -27.26 -4.73
C ALA B 448 -27.35 -28.09 -5.59
N ASN B 449 -27.05 -27.60 -6.79
CA ASN B 449 -26.03 -28.25 -7.62
C ASN B 449 -24.66 -28.11 -6.99
N LEU B 450 -24.37 -26.96 -6.40
CA LEU B 450 -23.00 -26.65 -6.03
C LEU B 450 -22.57 -27.34 -4.74
N VAL B 451 -23.52 -27.60 -3.84
CA VAL B 451 -23.17 -28.34 -2.64
C VAL B 451 -22.97 -29.81 -2.98
N SER B 452 -23.61 -30.29 -4.04
CA SER B 452 -23.42 -31.67 -4.48
C SER B 452 -22.01 -31.88 -5.01
N ILE B 453 -21.51 -30.94 -5.81
CA ILE B 453 -20.11 -30.97 -6.26
C ILE B 453 -19.19 -30.79 -5.07
N CYS B 454 -19.60 -29.96 -4.10
CA CYS B 454 -18.80 -29.74 -2.90
C CYS B 454 -18.67 -30.99 -2.06
N VAL B 455 -19.78 -31.69 -1.81
CA VAL B 455 -19.71 -32.86 -0.95
C VAL B 455 -19.04 -34.01 -1.69
N PHE B 456 -19.17 -34.07 -3.00
CA PHE B 456 -18.64 -35.24 -3.68
C PHE B 456 -17.17 -35.08 -3.99
N LEU B 457 -16.66 -33.86 -4.06
CA LEU B 457 -15.23 -33.67 -4.25
C LEU B 457 -14.44 -34.00 -3.00
N VAL B 458 -15.01 -33.71 -1.82
CA VAL B 458 -14.29 -34.00 -0.59
C VAL B 458 -14.42 -35.46 -0.17
N LEU B 459 -15.48 -36.15 -0.61
CA LEU B 459 -15.69 -37.52 -0.18
C LEU B 459 -14.77 -38.51 -0.90
N ASP B 460 -14.53 -38.32 -2.19
CA ASP B 460 -13.67 -39.25 -2.91
C ASP B 460 -12.21 -38.87 -2.84
N ALA B 461 -11.89 -37.73 -2.23
CA ALA B 461 -10.53 -37.20 -2.26
C ALA B 461 -9.61 -37.98 -1.34
N ASP B 462 -10.06 -38.26 -0.12
CA ASP B 462 -9.20 -38.86 0.90
C ASP B 462 -8.85 -40.30 0.56
N VAL B 463 -9.86 -41.10 0.22
CA VAL B 463 -9.69 -42.53 0.05
C VAL B 463 -9.95 -42.89 -1.41
N LEU B 464 -9.32 -44.00 -1.84
CA LEU B 464 -9.54 -44.73 -3.08
C LEU B 464 -9.46 -43.84 -4.31
N PRO B 465 -8.25 -43.39 -4.71
CA PRO B 465 -8.15 -42.53 -5.88
C PRO B 465 -8.34 -43.27 -7.18
N ALA B 466 -8.30 -44.60 -7.17
CA ALA B 466 -8.36 -45.36 -8.41
C ALA B 466 -9.79 -45.57 -8.88
N GLU B 467 -10.59 -46.31 -8.10
CA GLU B 467 -11.85 -46.86 -8.59
C GLU B 467 -13.01 -46.41 -7.72
N ARG B 468 -13.59 -45.27 -8.05
CA ARG B 468 -14.69 -44.70 -7.29
C ARG B 468 -16.03 -45.09 -7.92
N ASP B 469 -17.09 -44.90 -7.14
CA ASP B 469 -18.41 -45.38 -7.55
C ASP B 469 -19.04 -44.50 -8.63
N ASP B 470 -19.28 -43.21 -8.30
CA ASP B 470 -19.82 -42.19 -9.20
C ASP B 470 -21.16 -42.59 -9.81
N PHE B 471 -21.98 -43.31 -9.04
CA PHE B 471 -23.24 -43.81 -9.58
C PHE B 471 -24.30 -42.73 -9.61
N ILE B 472 -24.51 -42.05 -8.48
CA ILE B 472 -25.52 -41.01 -8.39
C ILE B 472 -25.06 -39.72 -9.03
N LEU B 473 -23.75 -39.58 -9.29
CA LEU B 473 -23.20 -38.36 -9.87
C LEU B 473 -23.74 -38.11 -11.27
N GLY B 474 -23.96 -39.18 -12.04
CA GLY B 474 -24.56 -39.00 -13.35
C GLY B 474 -25.99 -38.53 -13.27
N ILE B 475 -26.78 -39.15 -12.39
CA ILE B 475 -28.21 -38.86 -12.30
C ILE B 475 -28.43 -37.46 -11.73
N LEU B 476 -27.55 -37.00 -10.85
CA LEU B 476 -27.65 -35.65 -10.32
C LEU B 476 -27.45 -34.61 -11.41
N ASN B 477 -26.50 -34.86 -12.32
CA ASN B 477 -26.26 -33.90 -13.39
C ASN B 477 -27.33 -33.97 -14.48
N CYS B 478 -28.07 -35.08 -14.57
CA CYS B 478 -29.17 -35.15 -15.52
C CYS B 478 -30.31 -34.24 -15.12
N VAL B 479 -30.77 -34.34 -13.86
CA VAL B 479 -31.95 -33.63 -13.43
C VAL B 479 -31.71 -32.13 -13.37
N PHE B 480 -30.45 -31.72 -13.20
CA PHE B 480 -30.14 -30.30 -13.15
C PHE B 480 -30.05 -29.70 -14.55
N ILE B 481 -29.45 -30.43 -15.49
CA ILE B 481 -29.27 -29.89 -16.84
C ILE B 481 -30.60 -29.83 -17.58
N VAL B 482 -31.42 -30.87 -17.44
CA VAL B 482 -32.75 -30.81 -18.05
C VAL B 482 -33.64 -29.81 -17.34
N TYR B 483 -33.36 -29.50 -16.06
CA TYR B 483 -34.01 -28.36 -15.44
C TYR B 483 -33.54 -27.07 -16.08
N TYR B 484 -32.26 -26.99 -16.39
CA TYR B 484 -31.69 -25.79 -16.98
C TYR B 484 -32.21 -25.57 -18.39
N LEU B 485 -32.53 -26.63 -19.11
CA LEU B 485 -33.05 -26.46 -20.47
C LEU B 485 -34.50 -26.02 -20.45
N LEU B 486 -35.30 -26.55 -19.53
CA LEU B 486 -36.72 -26.22 -19.52
C LEU B 486 -36.98 -24.78 -19.07
N GLU B 487 -36.14 -24.27 -18.17
CA GLU B 487 -36.35 -22.90 -17.71
C GLU B 487 -36.01 -21.90 -18.81
N MET B 488 -34.93 -22.12 -19.54
CA MET B 488 -34.53 -21.19 -20.59
C MET B 488 -35.42 -21.32 -21.81
N LEU B 489 -36.05 -22.49 -22.00
CA LEU B 489 -37.03 -22.63 -23.07
C LEU B 489 -38.37 -22.06 -22.67
N LEU B 490 -38.71 -22.07 -21.38
CA LEU B 490 -39.89 -21.36 -20.93
C LEU B 490 -39.65 -19.85 -20.91
N LYS B 491 -38.41 -19.44 -20.71
CA LYS B 491 -38.09 -18.02 -20.75
C LYS B 491 -38.24 -17.48 -22.17
N VAL B 492 -37.75 -18.21 -23.16
CA VAL B 492 -37.84 -17.73 -24.54
C VAL B 492 -39.27 -17.90 -25.06
N PHE B 493 -40.06 -18.80 -24.49
CA PHE B 493 -41.47 -18.88 -24.82
C PHE B 493 -42.32 -17.91 -23.99
N ALA B 494 -41.69 -17.11 -23.14
CA ALA B 494 -42.36 -16.00 -22.47
C ALA B 494 -41.76 -14.65 -22.80
N LEU B 495 -40.50 -14.59 -23.24
CA LEU B 495 -39.88 -13.35 -23.68
C LEU B 495 -39.76 -13.26 -25.20
N GLY B 496 -39.17 -14.28 -25.82
CA GLY B 496 -38.92 -14.26 -27.24
C GLY B 496 -37.45 -14.49 -27.53
N LEU B 497 -37.12 -14.81 -28.78
CA LEU B 497 -35.71 -14.92 -29.15
C LEU B 497 -35.02 -13.56 -29.09
N ARG B 498 -35.78 -12.49 -29.29
CA ARG B 498 -35.26 -11.16 -29.05
C ARG B 498 -35.38 -10.79 -27.58
N GLY B 499 -36.46 -11.24 -26.93
CA GLY B 499 -36.68 -10.91 -25.54
C GLY B 499 -35.71 -11.57 -24.59
N TYR B 500 -35.07 -12.65 -25.01
CA TYR B 500 -34.09 -13.33 -24.18
C TYR B 500 -32.69 -12.76 -24.32
N LEU B 501 -32.34 -12.21 -25.48
CA LEU B 501 -31.00 -11.71 -25.71
C LEU B 501 -30.75 -10.39 -25.00
N SER B 502 -31.80 -9.67 -24.60
CA SER B 502 -31.63 -8.35 -24.02
C SER B 502 -31.01 -8.35 -22.63
N TYR B 503 -30.87 -9.50 -21.99
CA TYR B 503 -30.27 -9.57 -20.67
C TYR B 503 -28.89 -10.18 -20.76
N PRO B 504 -27.86 -9.52 -20.21
CA PRO B 504 -26.50 -10.06 -20.32
C PRO B 504 -26.28 -11.30 -19.48
N SER B 505 -27.00 -11.45 -18.36
CA SER B 505 -26.89 -12.67 -17.58
C SER B 505 -27.53 -13.85 -18.31
N ASN B 506 -28.59 -13.60 -19.08
CA ASN B 506 -29.24 -14.69 -19.79
C ASN B 506 -28.38 -15.18 -20.95
N VAL B 507 -27.58 -14.29 -21.55
CA VAL B 507 -26.59 -14.75 -22.53
C VAL B 507 -25.55 -15.63 -21.84
N PHE B 508 -25.17 -15.26 -20.62
CA PHE B 508 -24.23 -16.04 -19.85
C PHE B 508 -24.83 -17.37 -19.43
N ASP B 509 -26.09 -17.36 -19.01
CA ASP B 509 -26.73 -18.60 -18.60
C ASP B 509 -27.06 -19.46 -19.80
N GLY B 510 -27.57 -18.84 -20.87
CA GLY B 510 -28.02 -19.60 -22.03
C GLY B 510 -26.87 -20.27 -22.76
N LEU B 511 -25.70 -19.64 -22.78
CA LEU B 511 -24.54 -20.27 -23.40
C LEU B 511 -24.00 -21.40 -22.54
N LEU B 512 -24.04 -21.22 -21.22
CA LEU B 512 -23.50 -22.25 -20.34
C LEU B 512 -24.38 -23.49 -20.30
N THR B 513 -25.70 -23.33 -20.48
CA THR B 513 -26.61 -24.47 -20.46
C THR B 513 -26.44 -25.35 -21.69
N VAL B 514 -26.35 -24.72 -22.86
CA VAL B 514 -26.26 -25.50 -24.09
C VAL B 514 -24.90 -26.18 -24.23
N VAL B 515 -23.89 -25.73 -23.51
CA VAL B 515 -22.60 -26.41 -23.53
C VAL B 515 -22.65 -27.65 -22.65
N LEU B 516 -23.26 -27.54 -21.47
CA LEU B 516 -23.24 -28.64 -20.50
C LEU B 516 -24.05 -29.84 -20.95
N LEU B 517 -25.11 -29.62 -21.72
CA LEU B 517 -25.85 -30.77 -22.23
C LEU B 517 -25.07 -31.52 -23.28
N VAL B 518 -24.24 -30.82 -24.06
CA VAL B 518 -23.35 -31.47 -25.01
C VAL B 518 -22.34 -32.35 -24.28
N LEU B 519 -21.81 -31.83 -23.17
CA LEU B 519 -20.88 -32.61 -22.36
C LEU B 519 -21.59 -33.78 -21.68
N GLU B 520 -22.82 -33.56 -21.22
CA GLU B 520 -23.55 -34.62 -20.53
C GLU B 520 -24.00 -35.71 -21.48
N ILE B 521 -24.53 -35.33 -22.65
CA ILE B 521 -25.01 -36.33 -23.59
C ILE B 521 -23.86 -37.10 -24.22
N SER B 522 -22.65 -36.54 -24.22
CA SER B 522 -21.49 -37.26 -24.74
C SER B 522 -21.04 -38.34 -23.76
N THR B 523 -21.11 -38.03 -22.46
CA THR B 523 -20.93 -39.07 -21.45
C THR B 523 -22.09 -40.06 -21.51
N LEU B 524 -23.28 -39.57 -21.82
CA LEU B 524 -24.41 -40.47 -22.00
C LEU B 524 -24.33 -41.24 -23.31
N ALA B 525 -23.52 -40.79 -24.26
CA ALA B 525 -23.36 -41.52 -25.51
C ALA B 525 -22.45 -42.72 -25.34
N VAL B 526 -21.43 -42.61 -24.49
CA VAL B 526 -20.46 -43.69 -24.35
C VAL B 526 -20.66 -44.48 -23.05
N TYR B 527 -21.39 -43.92 -22.08
CA TYR B 527 -21.73 -44.67 -20.88
C TYR B 527 -23.23 -44.59 -20.64
N ARG B 528 -23.71 -45.50 -19.81
CA ARG B 528 -25.14 -45.64 -19.53
C ARG B 528 -25.45 -45.58 -18.04
N LEU B 529 -24.60 -46.19 -17.21
CA LEU B 529 -24.66 -46.18 -15.74
C LEU B 529 -25.98 -46.68 -15.17
N SER B 543 -11.92 -43.01 -20.78
CA SER B 543 -12.09 -41.56 -20.82
C SER B 543 -13.29 -41.16 -19.98
N LEU B 544 -13.64 -42.03 -19.02
CA LEU B 544 -14.71 -41.72 -18.07
C LEU B 544 -14.32 -40.55 -17.17
N TRP B 545 -13.11 -40.61 -16.60
CA TRP B 545 -12.73 -39.68 -15.55
C TRP B 545 -12.44 -38.29 -16.12
N ASP B 546 -11.88 -38.21 -17.32
CA ASP B 546 -11.58 -36.91 -17.90
C ASP B 546 -12.85 -36.18 -18.31
N MET B 547 -13.88 -36.91 -18.74
CA MET B 547 -15.13 -36.28 -19.12
C MET B 547 -15.90 -35.81 -17.90
N THR B 548 -15.89 -36.59 -16.83
CA THR B 548 -16.55 -36.15 -15.60
C THR B 548 -15.78 -35.01 -14.94
N ARG B 549 -14.47 -34.98 -15.10
CA ARG B 549 -13.70 -33.84 -14.58
C ARG B 549 -13.99 -32.60 -15.39
N MET B 550 -14.15 -32.74 -16.71
CA MET B 550 -14.56 -31.59 -17.52
C MET B 550 -16.00 -31.21 -17.23
N LEU B 551 -16.85 -32.17 -16.91
CA LEU B 551 -18.23 -31.84 -16.60
C LEU B 551 -18.34 -31.20 -15.23
N ASN B 552 -17.53 -31.64 -14.27
CA ASN B 552 -17.56 -31.03 -12.95
C ASN B 552 -17.02 -29.61 -12.96
N MET B 553 -16.03 -29.35 -13.83
CA MET B 553 -15.41 -28.04 -13.88
C MET B 553 -16.38 -26.97 -14.38
N LEU B 554 -17.16 -27.29 -15.39
CA LEU B 554 -18.04 -26.29 -15.97
C LEU B 554 -19.30 -26.09 -15.15
N ILE B 555 -19.58 -26.99 -14.21
CA ILE B 555 -20.68 -26.76 -13.29
C ILE B 555 -20.30 -25.71 -12.25
N VAL B 556 -19.00 -25.62 -11.93
CA VAL B 556 -18.51 -24.65 -10.95
C VAL B 556 -18.72 -23.22 -11.45
N PHE B 557 -18.69 -23.02 -12.77
CA PHE B 557 -18.86 -21.69 -13.34
C PHE B 557 -20.27 -21.15 -13.20
N ARG B 558 -21.23 -21.99 -12.79
CA ARG B 558 -22.58 -21.53 -12.47
C ARG B 558 -22.60 -20.59 -11.29
N PHE B 559 -21.59 -20.66 -10.41
CA PHE B 559 -21.54 -19.81 -9.23
C PHE B 559 -21.33 -18.35 -9.56
N LEU B 560 -20.84 -18.04 -10.75
CA LEU B 560 -20.66 -16.65 -11.16
C LEU B 560 -21.99 -15.96 -11.40
N ARG B 561 -23.09 -16.72 -11.49
CA ARG B 561 -24.42 -16.17 -11.66
C ARG B 561 -25.12 -15.91 -10.34
N ILE B 562 -24.65 -16.49 -9.24
CA ILE B 562 -25.17 -16.15 -7.93
C ILE B 562 -24.59 -14.83 -7.46
N ILE B 563 -23.40 -14.49 -7.97
CA ILE B 563 -22.70 -13.27 -7.55
C ILE B 563 -23.43 -11.95 -7.84
N PRO B 564 -23.96 -11.68 -9.05
CA PRO B 564 -24.42 -10.31 -9.34
C PRO B 564 -25.65 -9.82 -8.57
N SER B 565 -26.15 -10.56 -7.59
CA SER B 565 -27.25 -10.07 -6.75
C SER B 565 -26.70 -9.32 -5.53
N MET B 566 -25.93 -8.26 -5.81
CA MET B 566 -25.18 -7.54 -4.78
C MET B 566 -26.02 -6.41 -4.24
N LYS B 567 -26.80 -6.71 -3.21
CA LYS B 567 -27.66 -5.71 -2.57
C LYS B 567 -26.97 -4.82 -1.52
N PRO B 568 -26.23 -5.31 -0.51
CA PRO B 568 -25.74 -4.38 0.52
C PRO B 568 -24.31 -3.87 0.35
N MET B 569 -23.58 -4.33 -0.66
CA MET B 569 -22.16 -4.03 -0.85
C MET B 569 -21.92 -3.46 -2.23
N ALA B 570 -22.77 -2.51 -2.63
CA ALA B 570 -22.71 -1.94 -3.96
C ALA B 570 -21.45 -1.13 -4.20
N VAL B 571 -20.75 -0.73 -3.14
CA VAL B 571 -19.53 0.05 -3.29
C VAL B 571 -18.39 -0.81 -3.85
N VAL B 572 -18.48 -2.13 -3.72
CA VAL B 572 -17.41 -3.00 -4.20
C VAL B 572 -17.58 -3.29 -5.69
N ALA B 573 -18.80 -3.62 -6.10
CA ALA B 573 -19.02 -3.96 -7.50
C ALA B 573 -19.00 -2.74 -8.40
N SER B 574 -19.28 -1.56 -7.84
CA SER B 574 -19.28 -0.35 -8.65
C SER B 574 -17.87 0.06 -9.04
N THR B 575 -16.91 -0.12 -8.12
CA THR B 575 -15.56 0.30 -8.44
C THR B 575 -14.84 -0.73 -9.30
N VAL B 576 -15.20 -2.01 -9.17
CA VAL B 576 -14.55 -3.06 -9.96
C VAL B 576 -14.89 -2.91 -11.43
N LEU B 577 -16.13 -2.51 -11.72
CA LEU B 577 -16.46 -2.06 -13.06
C LEU B 577 -15.70 -0.80 -13.42
N GLY B 578 -15.55 0.13 -12.47
CA GLY B 578 -14.85 1.36 -12.76
C GLY B 578 -13.36 1.17 -12.92
N LEU B 579 -12.80 0.13 -12.30
CA LEU B 579 -11.39 -0.17 -12.47
C LEU B 579 -11.09 -0.68 -13.88
N VAL B 580 -11.82 -1.70 -14.32
CA VAL B 580 -11.50 -2.33 -15.59
C VAL B 580 -11.89 -1.47 -16.78
N GLN B 581 -12.73 -0.46 -16.56
CA GLN B 581 -12.96 0.52 -17.61
C GLN B 581 -11.88 1.57 -17.67
N ASN B 582 -10.89 1.50 -16.77
CA ASN B 582 -9.86 2.53 -16.67
C ASN B 582 -8.47 1.94 -16.69
N MET B 583 -8.30 0.69 -17.13
CA MET B 583 -6.99 0.07 -17.20
C MET B 583 -6.53 -0.07 -18.64
N ARG B 584 -6.90 0.88 -19.48
CA ARG B 584 -6.26 0.96 -20.78
C ARG B 584 -4.84 1.47 -20.65
N ALA B 585 -4.65 2.47 -19.80
CA ALA B 585 -3.32 3.03 -19.61
C ALA B 585 -2.45 2.09 -18.80
N PHE B 586 -2.99 1.60 -17.70
CA PHE B 586 -2.17 0.96 -16.69
C PHE B 586 -1.82 -0.47 -17.06
N GLY B 587 -2.75 -1.18 -17.68
CA GLY B 587 -2.41 -2.46 -18.28
C GLY B 587 -1.45 -2.30 -19.44
N GLY B 588 -1.49 -1.16 -20.10
CA GLY B 588 -0.55 -0.92 -21.18
C GLY B 588 0.87 -0.71 -20.71
N ILE B 589 1.04 -0.14 -19.53
CA ILE B 589 2.39 0.15 -19.05
C ILE B 589 3.09 -1.14 -18.63
N LEU B 590 2.33 -2.07 -18.05
CA LEU B 590 2.86 -3.38 -17.68
C LEU B 590 3.33 -4.15 -18.89
N VAL B 591 2.61 -4.04 -20.01
CA VAL B 591 3.00 -4.72 -21.23
C VAL B 591 4.30 -4.15 -21.76
N VAL B 592 4.48 -2.84 -21.64
CA VAL B 592 5.71 -2.19 -22.09
C VAL B 592 6.90 -2.65 -21.26
N VAL B 593 6.70 -2.83 -19.96
CA VAL B 593 7.80 -3.14 -19.07
C VAL B 593 8.18 -4.61 -19.16
N TYR B 594 7.19 -5.50 -19.29
CA TYR B 594 7.49 -6.91 -19.51
C TYR B 594 8.21 -7.16 -20.81
N TYR B 595 7.75 -6.52 -21.88
CA TYR B 595 8.26 -6.81 -23.20
C TYR B 595 9.69 -6.35 -23.36
N VAL B 596 10.05 -5.26 -22.71
CA VAL B 596 11.43 -4.80 -22.75
C VAL B 596 12.32 -5.71 -21.94
N PHE B 597 11.92 -6.00 -20.70
CA PHE B 597 12.78 -6.75 -19.80
C PHE B 597 12.84 -8.23 -20.12
N ALA B 598 11.93 -8.74 -20.93
CA ALA B 598 12.06 -10.12 -21.38
C ALA B 598 13.17 -10.25 -22.40
N ILE B 599 13.18 -9.37 -23.41
CA ILE B 599 14.12 -9.50 -24.52
C ILE B 599 15.53 -9.13 -24.09
N ILE B 600 15.66 -8.22 -23.13
CA ILE B 600 16.97 -8.00 -22.52
C ILE B 600 17.39 -9.25 -21.75
N GLY B 601 16.46 -9.88 -21.05
CA GLY B 601 16.80 -11.05 -20.27
C GLY B 601 17.05 -12.28 -21.11
N ILE B 602 16.49 -12.32 -22.32
CA ILE B 602 16.75 -13.43 -23.21
C ILE B 602 18.20 -13.40 -23.68
N ASN B 603 18.64 -12.24 -24.16
CA ASN B 603 19.96 -12.11 -24.76
C ASN B 603 21.09 -12.21 -23.75
N LEU B 604 20.80 -12.19 -22.45
CA LEU B 604 21.84 -12.32 -21.46
C LEU B 604 21.92 -13.71 -20.86
N PHE B 605 20.81 -14.41 -20.74
CA PHE B 605 20.77 -15.69 -20.03
C PHE B 605 20.06 -16.75 -20.87
N ARG B 606 20.37 -16.81 -22.16
CA ARG B 606 19.62 -17.70 -23.04
C ARG B 606 20.01 -19.15 -22.84
N GLY B 607 21.31 -19.43 -22.75
CA GLY B 607 21.75 -20.80 -22.61
C GLY B 607 22.61 -20.99 -21.39
N VAL B 608 22.25 -20.35 -20.29
CA VAL B 608 23.12 -20.37 -19.11
C VAL B 608 22.84 -21.57 -18.21
N ILE B 609 21.62 -22.09 -18.22
CA ILE B 609 21.22 -23.14 -17.28
C ILE B 609 21.22 -24.47 -18.03
N VAL B 610 22.04 -25.41 -17.56
CA VAL B 610 22.10 -26.76 -18.10
C VAL B 610 21.93 -27.72 -16.95
N ALA B 611 21.02 -28.68 -17.09
CA ALA B 611 20.76 -29.69 -16.07
C ALA B 611 21.26 -31.04 -16.57
N LEU B 612 22.23 -31.61 -15.86
CA LEU B 612 22.76 -32.92 -16.20
C LEU B 612 22.47 -33.94 -15.12
N SER B 624 22.17 -33.86 -3.65
CA SER B 624 23.61 -33.61 -3.76
C SER B 624 23.86 -32.10 -3.82
N ALA B 625 22.84 -31.34 -3.44
CA ALA B 625 22.85 -29.90 -3.37
C ALA B 625 22.62 -29.45 -1.92
N PRO B 626 22.93 -28.20 -1.57
CA PRO B 626 22.50 -27.68 -0.27
C PRO B 626 20.99 -27.61 -0.19
N CYS B 627 20.45 -27.80 1.01
CA CYS B 627 19.03 -28.11 1.17
C CYS B 627 18.11 -26.91 0.99
N GLY B 628 18.59 -25.73 0.61
CA GLY B 628 17.68 -24.65 0.33
C GLY B 628 17.98 -23.96 -0.97
N SER B 629 18.64 -24.67 -1.87
CA SER B 629 19.23 -24.04 -3.04
C SER B 629 18.27 -24.04 -4.22
N PHE B 630 18.76 -23.50 -5.34
CA PHE B 630 18.01 -23.50 -6.59
C PHE B 630 17.83 -24.89 -7.15
N GLU B 631 18.70 -25.84 -6.79
CA GLU B 631 18.67 -27.17 -7.34
C GLU B 631 18.08 -28.19 -6.39
N GLN B 632 18.07 -27.92 -5.09
CA GLN B 632 17.32 -28.77 -4.17
C GLN B 632 15.83 -28.65 -4.44
N LEU B 633 15.31 -27.43 -4.43
CA LEU B 633 14.03 -27.17 -5.05
C LEU B 633 14.15 -27.38 -6.55
N GLU B 634 13.06 -27.71 -7.20
CA GLU B 634 13.10 -27.96 -8.62
C GLU B 634 12.66 -26.72 -9.37
N TYR B 635 13.47 -25.68 -9.27
CA TYR B 635 13.19 -24.42 -9.93
C TYR B 635 13.71 -24.37 -11.35
N TRP B 636 13.88 -25.52 -11.99
CA TRP B 636 14.50 -25.55 -13.31
C TRP B 636 13.61 -24.96 -14.38
N ALA B 637 12.32 -24.82 -14.13
CA ALA B 637 11.43 -24.24 -15.11
C ALA B 637 11.55 -22.73 -15.21
N ASN B 638 12.33 -22.10 -14.35
CA ASN B 638 12.44 -20.64 -14.31
C ASN B 638 13.77 -20.26 -14.94
N ASN B 639 13.74 -20.05 -16.24
CA ASN B 639 14.91 -19.61 -16.98
C ASN B 639 14.47 -18.61 -18.02
N PHE B 640 15.40 -18.17 -18.86
CA PHE B 640 15.13 -17.13 -19.84
C PHE B 640 15.38 -17.64 -21.25
N ASP B 641 15.01 -18.88 -21.51
CA ASP B 641 15.35 -19.51 -22.78
C ASP B 641 14.39 -19.17 -23.90
N ASP B 642 13.22 -18.62 -23.59
CA ASP B 642 12.26 -18.26 -24.61
C ASP B 642 11.37 -17.15 -24.07
N PHE B 643 10.31 -16.85 -24.80
CA PHE B 643 9.46 -15.75 -24.41
C PHE B 643 8.45 -16.15 -23.35
N ALA B 644 7.87 -17.34 -23.46
CA ALA B 644 6.89 -17.76 -22.45
C ALA B 644 7.56 -18.06 -21.13
N ALA B 645 8.77 -18.59 -21.16
CA ALA B 645 9.46 -18.89 -19.92
C ALA B 645 10.07 -17.66 -19.28
N ALA B 646 10.30 -16.60 -20.04
CA ALA B 646 10.76 -15.37 -19.44
C ALA B 646 9.65 -14.70 -18.66
N LEU B 647 8.42 -14.76 -19.16
CA LEU B 647 7.33 -14.02 -18.55
C LEU B 647 6.94 -14.61 -17.21
N VAL B 648 6.98 -15.92 -17.07
CA VAL B 648 6.66 -16.50 -15.78
C VAL B 648 7.82 -16.31 -14.81
N THR B 649 9.05 -16.34 -15.31
CA THR B 649 10.19 -16.10 -14.43
C THR B 649 10.24 -14.66 -13.97
N LEU B 650 9.88 -13.72 -14.85
CA LEU B 650 9.79 -12.33 -14.41
C LEU B 650 8.60 -12.12 -13.51
N TRP B 651 7.58 -12.96 -13.61
CA TRP B 651 6.45 -12.84 -12.70
C TRP B 651 6.83 -13.26 -11.30
N ASN B 652 7.59 -14.35 -11.17
CA ASN B 652 7.95 -14.85 -9.85
C ASN B 652 8.97 -13.98 -9.15
N LEU B 653 9.60 -13.06 -9.86
CA LEU B 653 10.41 -12.05 -9.22
C LEU B 653 9.61 -10.81 -8.89
N MET B 654 8.48 -10.63 -9.56
CA MET B 654 7.65 -9.46 -9.28
C MET B 654 6.94 -9.60 -7.96
N VAL B 655 6.30 -10.74 -7.73
CA VAL B 655 5.93 -11.11 -6.37
C VAL B 655 7.21 -11.56 -5.67
N VAL B 656 7.63 -10.77 -4.68
CA VAL B 656 9.05 -10.72 -4.32
C VAL B 656 9.50 -11.92 -3.51
N ASN B 657 8.61 -12.87 -3.22
CA ASN B 657 8.95 -13.99 -2.38
C ASN B 657 9.99 -14.90 -3.03
N ASN B 658 10.99 -15.31 -2.23
CA ASN B 658 12.07 -16.23 -2.62
C ASN B 658 12.85 -15.73 -3.83
N TRP B 659 13.19 -14.46 -3.87
CA TRP B 659 14.09 -14.01 -4.93
C TRP B 659 15.51 -13.95 -4.45
N GLN B 660 15.75 -14.32 -3.20
CA GLN B 660 17.11 -14.61 -2.77
C GLN B 660 17.66 -15.85 -3.47
N VAL B 661 16.79 -16.77 -3.86
CA VAL B 661 17.22 -18.02 -4.48
C VAL B 661 17.66 -17.76 -5.91
N PHE B 662 16.94 -16.92 -6.63
CA PHE B 662 17.30 -16.60 -8.01
C PHE B 662 18.58 -15.79 -8.09
N LEU B 663 18.84 -14.97 -7.07
CA LEU B 663 20.06 -14.18 -7.05
C LEU B 663 21.29 -15.06 -6.88
N ASP B 664 21.16 -16.14 -6.12
CA ASP B 664 22.30 -17.01 -5.88
C ASP B 664 22.57 -17.91 -7.07
N ALA B 665 21.52 -18.30 -7.79
CA ALA B 665 21.69 -19.18 -8.93
C ALA B 665 22.30 -18.45 -10.11
N TYR B 666 21.78 -17.27 -10.43
CA TYR B 666 22.30 -16.55 -11.57
C TYR B 666 23.65 -15.91 -11.29
N ARG B 667 24.06 -15.81 -10.03
CA ARG B 667 25.45 -15.47 -9.74
C ARG B 667 26.35 -16.66 -10.06
N ARG B 668 25.94 -17.85 -9.64
CA ARG B 668 26.77 -19.04 -9.78
C ARG B 668 26.87 -19.52 -11.22
N TYR B 669 26.00 -19.06 -12.10
CA TYR B 669 26.02 -19.53 -13.47
C TYR B 669 26.40 -18.46 -14.49
N SER B 670 26.29 -17.18 -14.15
CA SER B 670 26.54 -16.16 -15.15
C SER B 670 27.32 -14.97 -14.59
N GLY B 671 28.08 -15.19 -13.53
CA GLY B 671 28.91 -14.13 -12.98
C GLY B 671 28.15 -13.19 -12.09
N PRO B 672 28.88 -12.44 -11.26
CA PRO B 672 28.22 -11.61 -10.24
C PRO B 672 27.72 -10.27 -10.75
N TRP B 673 27.87 -9.97 -12.04
CA TRP B 673 27.33 -8.73 -12.57
C TRP B 673 25.89 -8.86 -13.02
N SER B 674 25.28 -10.03 -12.81
CA SER B 674 23.88 -10.23 -13.11
C SER B 674 22.97 -9.61 -12.07
N LYS B 675 23.50 -9.23 -10.91
CA LYS B 675 22.66 -8.66 -9.86
C LYS B 675 22.17 -7.28 -10.20
N ILE B 676 22.82 -6.58 -11.13
CA ILE B 676 22.31 -5.28 -11.53
C ILE B 676 21.08 -5.44 -12.38
N TYR B 677 20.90 -6.60 -13.02
CA TYR B 677 19.71 -6.82 -13.81
C TYR B 677 18.49 -7.04 -12.93
N PHE B 678 18.63 -7.87 -11.90
CA PHE B 678 17.48 -8.19 -11.08
C PHE B 678 17.12 -7.07 -10.13
N VAL B 679 18.10 -6.29 -9.70
CA VAL B 679 17.83 -5.16 -8.82
C VAL B 679 17.11 -4.07 -9.60
N LEU B 680 17.51 -3.85 -10.85
CA LEU B 680 16.80 -2.92 -11.71
C LEU B 680 15.41 -3.42 -12.03
N TRP B 681 15.24 -4.74 -12.16
CA TRP B 681 13.91 -5.27 -12.37
C TRP B 681 13.09 -5.17 -11.10
N TRP B 682 13.73 -5.22 -9.94
CA TRP B 682 13.00 -5.08 -8.69
C TRP B 682 12.48 -3.65 -8.52
N LEU B 683 13.24 -2.68 -9.00
CA LEU B 683 12.85 -1.28 -8.79
C LEU B 683 11.69 -0.90 -9.70
N VAL B 684 11.72 -1.34 -10.96
CA VAL B 684 10.66 -0.95 -11.88
C VAL B 684 9.37 -1.67 -11.56
N SER B 685 9.45 -2.97 -11.31
CA SER B 685 8.25 -3.78 -11.20
C SER B 685 7.58 -3.62 -9.86
N SER B 686 8.25 -4.01 -8.79
CA SER B 686 7.58 -4.06 -7.51
C SER B 686 7.43 -2.68 -6.91
N VAL B 687 8.48 -1.87 -6.97
CA VAL B 687 8.45 -0.58 -6.31
C VAL B 687 7.55 0.39 -7.07
N ILE B 688 7.77 0.53 -8.37
CA ILE B 688 7.06 1.59 -9.07
C ILE B 688 5.66 1.14 -9.45
N TRP B 689 5.53 0.00 -10.10
CA TRP B 689 4.25 -0.38 -10.70
C TRP B 689 3.23 -0.82 -9.68
N VAL B 690 3.65 -1.51 -8.62
CA VAL B 690 2.65 -1.94 -7.64
C VAL B 690 2.29 -0.79 -6.70
N ASN B 691 3.14 0.22 -6.56
CA ASN B 691 2.68 1.48 -5.99
C ASN B 691 1.79 2.23 -6.97
N LEU B 692 2.08 2.12 -8.26
CA LEU B 692 1.24 2.74 -9.28
C LEU B 692 -0.15 2.13 -9.30
N PHE B 693 -0.26 0.84 -8.98
CA PHE B 693 -1.56 0.20 -8.91
C PHE B 693 -2.37 0.74 -7.75
N LEU B 694 -1.73 0.91 -6.61
CA LEU B 694 -2.46 1.33 -5.42
C LEU B 694 -2.89 2.78 -5.52
N ALA B 695 -2.15 3.58 -6.28
CA ALA B 695 -2.59 4.95 -6.53
C ALA B 695 -3.79 4.98 -7.46
N LEU B 696 -3.90 4.03 -8.37
CA LEU B 696 -5.04 4.03 -9.28
C LEU B 696 -6.28 3.43 -8.66
N ILE B 697 -6.12 2.49 -7.73
CA ILE B 697 -7.28 2.01 -6.98
C ILE B 697 -7.82 3.11 -6.10
N LEU B 698 -6.94 3.86 -5.46
CA LEU B 698 -7.35 4.91 -4.53
C LEU B 698 -8.05 6.04 -5.24
N GLU B 699 -7.63 6.36 -6.46
CA GLU B 699 -8.31 7.41 -7.21
C GLU B 699 -9.68 6.94 -7.69
N ASN B 700 -9.76 5.76 -8.30
CA ASN B 700 -11.02 5.28 -8.83
C ASN B 700 -11.99 4.85 -7.75
N PHE B 701 -11.52 4.62 -6.53
CA PHE B 701 -12.46 4.39 -5.44
C PHE B 701 -13.11 5.70 -5.02
N LEU B 702 -12.30 6.68 -4.64
CA LEU B 702 -12.79 7.97 -4.15
C LEU B 702 -13.22 8.80 -5.35
N HIS B 703 -14.43 8.54 -5.83
CA HIS B 703 -14.91 9.24 -6.99
C HIS B 703 -16.40 9.46 -6.90
N LYS B 704 -16.83 10.67 -7.29
CA LYS B 704 -18.19 11.22 -7.25
C LYS B 704 -18.73 11.40 -5.83
N TRP B 705 -17.87 11.31 -4.82
CA TRP B 705 -18.24 11.66 -3.45
C TRP B 705 -16.99 11.97 -2.63
#